data_4U04
#
_entry.id   4U04
#
_cell.length_a   71.186
_cell.length_b   76.809
_cell.length_c   93.195
_cell.angle_alpha   90.00
_cell.angle_beta   108.05
_cell.angle_gamma   90.00
#
_symmetry.space_group_name_H-M   'P 1 21 1'
#
loop_
_entity.id
_entity.type
_entity.pdbx_description
1 polymer 'Adenosine monophosphate-protein transferase FICD'
2 non-polymer 'D(-)-TARTARIC ACID'
3 non-polymer 'TETRAETHYLENE GLYCOL'
4 water water
#
_entity_poly.entity_id   1
_entity_poly.type   'polypeptide(L)'
_entity_poly.pdbx_seq_one_letter_code
;GKLEARAALNQALEMKRQGKREKAQKLFMHALKMDPDFVDALTEFGIFSEEDKDIIQADYLYTRALTISPYHEKALVNRD
RTLPLVEEIDQRYFSIIDSKVKKVMSIPKGNSALRRVMEETYYHHIYHTVAIEGNTLTLSEIRHILETRYAVPGKSLEEQ
NEVIGMHAAMKYINTTLVSRIGSVTISDVLEIHRRVLGYVDPVEAGRFRTTQVLVGHHIPPHPQDVEKQMQEFVQWLNSE
EAMNLHPVEFAALAHYKLVYIHPFIDGNGRTSRLLMNLILMQAGYPPITIRKEQRSDYYHVLEAANEGDVRPFIRFIAKC
TETTLDTLLFATTEYSVALPEAQP
;
_entity_poly.pdbx_strand_id   A,B
#
loop_
_chem_comp.id
_chem_comp.type
_chem_comp.name
_chem_comp.formula
PG4 non-polymer 'TETRAETHYLENE GLYCOL' 'C8 H18 O5'
TAR non-polymer 'D(-)-TARTARIC ACID' 'C4 H6 O6'
#
# COMPACT_ATOMS: atom_id res chain seq x y z
N ARG A 6 10.55 11.19 52.70
CA ARG A 6 11.62 11.06 53.70
C ARG A 6 11.22 10.08 54.81
N ALA A 7 9.93 10.04 55.19
CA ALA A 7 9.41 9.13 56.21
C ALA A 7 9.43 7.69 55.72
N ALA A 8 9.08 7.47 54.44
CA ALA A 8 9.12 6.14 53.81
C ALA A 8 10.56 5.61 53.69
N LEU A 9 11.53 6.51 53.47
CA LEU A 9 12.96 6.15 53.39
C LEU A 9 13.44 5.71 54.77
N ASN A 10 13.20 6.54 55.81
CA ASN A 10 13.58 6.22 57.19
C ASN A 10 12.86 4.95 57.70
N GLN A 11 11.63 4.68 57.19
CA GLN A 11 10.88 3.46 57.54
C GLN A 11 11.54 2.24 56.89
N ALA A 12 12.06 2.40 55.64
CA ALA A 12 12.77 1.33 54.93
C ALA A 12 14.11 1.01 55.62
N LEU A 13 14.80 2.05 56.15
CA LEU A 13 16.07 1.87 56.88
C LEU A 13 15.85 1.14 58.22
N GLU A 14 14.71 1.40 58.92
CA GLU A 14 14.41 0.71 60.19
C GLU A 14 14.17 -0.78 59.97
N MET A 15 13.53 -1.15 58.83
CA MET A 15 13.25 -2.56 58.50
C MET A 15 14.54 -3.30 58.10
N LYS A 16 15.38 -2.65 57.25
CA LYS A 16 16.68 -3.17 56.80
C LYS A 16 17.61 -3.44 58.00
N ARG A 17 17.57 -2.54 59.01
CA ARG A 17 18.38 -2.69 60.25
C ARG A 17 17.88 -3.87 61.10
N GLN A 18 16.55 -4.04 61.21
CA GLN A 18 15.96 -5.12 62.00
C GLN A 18 16.14 -6.48 61.30
N GLY A 19 15.71 -6.58 60.04
CA GLY A 19 15.83 -7.80 59.27
C GLY A 19 14.94 -7.88 58.04
N LYS A 20 13.61 -7.72 58.23
CA LYS A 20 12.59 -7.81 57.16
C LYS A 20 13.00 -7.16 55.82
N ARG A 21 13.58 -8.00 54.92
CA ARG A 21 14.05 -7.60 53.58
C ARG A 21 12.88 -7.30 52.65
N GLU A 22 11.83 -8.14 52.68
CA GLU A 22 10.65 -8.02 51.81
C GLU A 22 9.90 -6.71 52.04
N LYS A 23 9.70 -6.31 53.32
CA LYS A 23 9.00 -5.07 53.65
C LYS A 23 9.86 -3.83 53.36
N ALA A 24 11.20 -3.96 53.39
CA ALA A 24 12.13 -2.85 53.12
C ALA A 24 12.08 -2.46 51.64
N GLN A 25 12.17 -3.44 50.72
CA GLN A 25 12.14 -3.21 49.27
C GLN A 25 10.84 -2.51 48.83
N LYS A 26 9.69 -2.89 49.42
CA LYS A 26 8.39 -2.27 49.13
C LYS A 26 8.37 -0.81 49.63
N LEU A 27 8.94 -0.56 50.83
CA LEU A 27 9.04 0.79 51.39
C LEU A 27 10.05 1.65 50.61
N PHE A 28 11.12 1.02 50.09
CA PHE A 28 12.12 1.72 49.26
C PHE A 28 11.49 2.11 47.93
N MET A 29 10.78 1.18 47.27
CA MET A 29 10.10 1.43 45.99
C MET A 29 9.00 2.49 46.08
N HIS A 30 8.36 2.63 47.26
CA HIS A 30 7.27 3.60 47.48
C HIS A 30 7.86 5.01 47.54
N ALA A 31 9.01 5.19 48.24
CA ALA A 31 9.70 6.48 48.32
C ALA A 31 10.18 6.98 46.94
N LEU A 32 10.55 6.06 46.03
CA LEU A 32 10.98 6.43 44.68
C LEU A 32 9.75 6.65 43.76
N LYS A 33 8.61 5.97 44.02
CA LYS A 33 7.38 6.21 43.25
C LYS A 33 6.85 7.62 43.56
N MET A 34 6.90 8.05 44.84
CA MET A 34 6.45 9.38 45.26
C MET A 34 7.41 10.48 44.76
N ASP A 35 8.74 10.25 44.81
CA ASP A 35 9.74 11.20 44.32
C ASP A 35 10.86 10.43 43.59
N PRO A 36 10.78 10.28 42.25
CA PRO A 36 11.83 9.52 41.51
C PRO A 36 13.21 10.19 41.39
N ASP A 37 13.36 11.47 41.83
CA ASP A 37 14.62 12.19 41.81
C ASP A 37 15.10 12.44 43.26
N PHE A 38 14.87 11.46 44.15
CA PHE A 38 15.22 11.51 45.57
C PHE A 38 16.63 10.91 45.79
N VAL A 39 17.65 11.77 45.61
CA VAL A 39 19.08 11.45 45.77
C VAL A 39 19.43 10.53 46.98
N ASP A 40 18.86 10.77 48.17
CA ASP A 40 19.17 9.96 49.35
C ASP A 40 18.54 8.56 49.29
N ALA A 41 17.31 8.43 48.75
CA ALA A 41 16.65 7.12 48.62
C ALA A 41 17.30 6.27 47.53
N LEU A 42 17.86 6.92 46.49
CA LEU A 42 18.54 6.23 45.40
C LEU A 42 19.82 5.57 45.94
N THR A 43 20.63 6.29 46.76
CA THR A 43 21.87 5.74 47.32
C THR A 43 21.60 4.65 48.36
N GLU A 44 20.62 4.85 49.24
CA GLU A 44 20.26 3.86 50.27
C GLU A 44 19.64 2.61 49.65
N PHE A 45 18.87 2.75 48.55
CA PHE A 45 18.31 1.58 47.86
C PHE A 45 19.40 0.85 47.06
N GLY A 46 20.44 1.58 46.65
CA GLY A 46 21.59 1.02 45.96
C GLY A 46 22.43 0.15 46.88
N ILE A 47 22.86 0.69 48.04
CA ILE A 47 23.63 -0.09 49.03
C ILE A 47 22.81 -1.29 49.54
N PHE A 48 21.47 -1.14 49.60
CA PHE A 48 20.56 -2.20 50.01
C PHE A 48 20.58 -3.32 48.97
N SER A 49 20.48 -2.97 47.68
CA SER A 49 20.49 -3.97 46.60
C SER A 49 21.84 -4.71 46.49
N GLU A 50 22.96 -4.10 46.91
CA GLU A 50 24.28 -4.76 46.91
C GLU A 50 24.32 -5.91 47.91
N GLU A 51 23.48 -5.85 48.97
CA GLU A 51 23.40 -6.91 49.96
C GLU A 51 22.75 -8.19 49.41
N ASP A 52 21.98 -8.09 48.28
CA ASP A 52 21.42 -9.25 47.57
C ASP A 52 22.31 -9.60 46.36
N LYS A 53 23.56 -9.08 46.32
CA LYS A 53 24.53 -9.28 45.25
C LYS A 53 24.11 -8.63 43.92
N ASP A 54 23.20 -7.62 43.95
CA ASP A 54 22.73 -6.93 42.74
C ASP A 54 23.52 -5.64 42.53
N ILE A 55 24.74 -5.79 42.04
CA ILE A 55 25.65 -4.69 41.73
C ILE A 55 25.19 -3.87 40.49
N ILE A 56 24.59 -4.55 39.47
CA ILE A 56 24.11 -3.87 38.26
C ILE A 56 23.02 -2.85 38.64
N GLN A 57 22.08 -3.26 39.51
CA GLN A 57 21.01 -2.38 40.01
C GLN A 57 21.57 -1.26 40.88
N ALA A 58 22.54 -1.57 41.76
CA ALA A 58 23.18 -0.60 42.64
C ALA A 58 23.87 0.51 41.85
N ASP A 59 24.67 0.14 40.84
CA ASP A 59 25.36 1.10 39.98
C ASP A 59 24.34 2.00 39.22
N TYR A 60 23.22 1.41 38.76
CA TYR A 60 22.14 2.16 38.08
C TYR A 60 21.61 3.21 39.02
N LEU A 61 21.34 2.83 40.28
CA LEU A 61 20.84 3.73 41.32
C LEU A 61 21.85 4.84 41.70
N TYR A 62 23.16 4.52 41.80
CA TYR A 62 24.17 5.56 42.10
C TYR A 62 24.35 6.50 40.90
N THR A 63 24.22 5.99 39.67
CA THR A 63 24.33 6.83 38.44
C THR A 63 23.10 7.75 38.32
N ARG A 64 21.92 7.26 38.71
CA ARG A 64 20.67 8.01 38.69
C ARG A 64 20.74 9.13 39.72
N ALA A 65 21.41 8.85 40.86
CA ALA A 65 21.60 9.80 41.95
C ALA A 65 22.51 10.94 41.51
N LEU A 66 23.65 10.61 40.87
CA LEU A 66 24.62 11.61 40.41
C LEU A 66 24.16 12.43 39.21
N THR A 67 23.15 11.96 38.45
CA THR A 67 22.63 12.75 37.34
C THR A 67 21.84 13.95 37.91
N ILE A 68 21.27 13.79 39.13
CA ILE A 68 20.52 14.83 39.86
C ILE A 68 21.51 15.71 40.63
N SER A 69 22.32 15.09 41.51
CA SER A 69 23.31 15.75 42.37
C SER A 69 24.71 15.17 42.09
N PRO A 70 25.46 15.70 41.10
CA PRO A 70 26.78 15.11 40.78
C PRO A 70 27.85 15.07 41.86
N TYR A 71 27.75 15.89 42.91
CA TYR A 71 28.75 15.94 43.98
C TYR A 71 28.28 15.27 45.29
N HIS A 72 27.22 14.41 45.24
CA HIS A 72 26.72 13.73 46.44
C HIS A 72 27.74 12.68 46.86
N GLU A 73 28.48 12.96 47.95
CA GLU A 73 29.56 12.11 48.48
C GLU A 73 29.25 10.60 48.57
N LYS A 74 28.09 10.21 49.15
CA LYS A 74 27.73 8.79 49.30
C LYS A 74 27.45 8.10 47.96
N ALA A 75 27.04 8.85 46.91
CA ALA A 75 26.79 8.32 45.58
C ALA A 75 28.11 8.23 44.84
N LEU A 76 28.92 9.31 44.88
CA LEU A 76 30.25 9.36 44.24
C LEU A 76 31.20 8.28 44.73
N VAL A 77 31.29 8.05 46.05
CA VAL A 77 32.18 7.04 46.63
C VAL A 77 31.81 5.62 46.18
N ASN A 78 30.50 5.36 46.01
CA ASN A 78 30.01 4.06 45.56
C ASN A 78 30.11 3.89 44.05
N ARG A 79 29.65 4.92 43.28
CA ARG A 79 29.70 4.98 41.80
C ARG A 79 31.09 4.64 41.29
N ASP A 80 32.12 5.34 41.82
CA ASP A 80 33.53 5.17 41.41
C ASP A 80 34.04 3.72 41.62
N ARG A 81 33.51 3.02 42.63
CA ARG A 81 33.87 1.62 42.92
C ARG A 81 33.13 0.65 41.98
N THR A 82 31.82 0.85 41.80
CA THR A 82 30.98 -0.01 40.97
C THR A 82 31.12 0.21 39.46
N LEU A 83 31.49 1.43 39.00
CA LEU A 83 31.60 1.76 37.57
C LEU A 83 32.50 0.79 36.81
N PRO A 84 33.80 0.62 37.14
CA PRO A 84 34.60 -0.34 36.37
C PRO A 84 34.20 -1.80 36.57
N LEU A 85 33.61 -2.13 37.73
CA LEU A 85 33.15 -3.48 38.05
C LEU A 85 31.97 -3.88 37.16
N VAL A 86 30.99 -2.98 36.97
CA VAL A 86 29.85 -3.25 36.08
C VAL A 86 30.32 -3.38 34.64
N GLU A 87 31.22 -2.48 34.18
CA GLU A 87 31.86 -2.53 32.86
C GLU A 87 32.45 -3.92 32.58
N GLU A 88 33.11 -4.54 33.57
CA GLU A 88 33.67 -5.89 33.45
C GLU A 88 32.54 -6.90 33.36
N ILE A 89 31.60 -6.90 34.34
CA ILE A 89 30.44 -7.82 34.35
C ILE A 89 29.71 -7.80 32.99
N ASP A 90 29.52 -6.60 32.43
CA ASP A 90 28.86 -6.43 31.14
C ASP A 90 29.69 -7.09 30.00
N GLN A 91 31.02 -6.87 30.01
CA GLN A 91 31.94 -7.45 29.01
C GLN A 91 31.95 -9.00 29.08
N ARG A 92 31.92 -9.54 30.30
CA ARG A 92 31.90 -10.98 30.54
C ARG A 92 30.63 -11.66 30.01
N TYR A 93 29.48 -10.98 30.04
CA TYR A 93 28.23 -11.54 29.54
C TYR A 93 28.25 -11.58 28.00
N PHE A 94 28.91 -10.59 27.37
CA PHE A 94 29.05 -10.54 25.92
C PHE A 94 29.97 -11.67 25.46
N SER A 95 31.07 -11.94 26.20
CA SER A 95 31.98 -13.03 25.84
C SER A 95 31.28 -14.40 26.01
N ILE A 96 30.33 -14.53 26.95
CA ILE A 96 29.51 -15.74 27.11
C ILE A 96 28.65 -15.88 25.84
N ILE A 97 28.01 -14.77 25.40
CA ILE A 97 27.21 -14.72 24.17
C ILE A 97 28.08 -15.04 22.92
N ASP A 98 29.34 -14.54 22.87
CA ASP A 98 30.25 -14.82 21.74
C ASP A 98 30.57 -16.31 21.58
N SER A 99 30.77 -17.02 22.70
CA SER A 99 31.06 -18.45 22.68
C SER A 99 29.84 -19.27 22.22
N LYS A 100 28.62 -18.85 22.61
CA LYS A 100 27.38 -19.50 22.18
C LYS A 100 27.09 -19.27 20.68
N VAL A 101 27.53 -18.12 20.11
CA VAL A 101 27.38 -17.80 18.68
C VAL A 101 28.33 -18.71 17.87
N LYS A 102 29.53 -18.97 18.43
CA LYS A 102 30.54 -19.87 17.86
C LYS A 102 29.92 -21.27 17.74
N LYS A 103 29.37 -21.78 18.86
CA LYS A 103 28.70 -23.09 18.93
C LYS A 103 27.50 -23.18 17.97
N VAL A 104 26.71 -22.10 17.85
CA VAL A 104 25.56 -22.07 16.94
C VAL A 104 26.04 -22.07 15.47
N MET A 105 27.00 -21.18 15.12
CA MET A 105 27.54 -21.08 13.76
C MET A 105 28.10 -22.42 13.25
N SER A 106 28.73 -23.22 14.15
CA SER A 106 29.27 -24.53 13.78
C SER A 106 28.15 -25.55 13.46
N ILE A 107 27.01 -25.48 14.18
CA ILE A 107 25.87 -26.38 13.96
C ILE A 107 25.11 -25.97 12.70
N GLU A 120 9.81 -22.59 9.89
CA GLU A 120 9.22 -22.70 11.22
C GLU A 120 9.47 -21.43 12.04
N THR A 121 10.75 -21.00 12.17
CA THR A 121 11.14 -19.79 12.92
C THR A 121 10.75 -18.49 12.19
N TYR A 122 10.40 -18.53 10.88
CA TYR A 122 10.00 -17.35 10.13
C TYR A 122 8.67 -16.77 10.65
N TYR A 123 7.73 -17.67 10.96
CA TYR A 123 6.42 -17.32 11.47
C TYR A 123 6.47 -16.94 12.94
N HIS A 124 7.37 -17.59 13.74
CA HIS A 124 7.54 -17.28 15.16
C HIS A 124 7.97 -15.83 15.37
N HIS A 125 8.90 -15.31 14.54
CA HIS A 125 9.31 -13.92 14.65
C HIS A 125 8.19 -12.97 14.18
N ILE A 126 7.49 -13.27 13.06
CA ILE A 126 6.40 -12.40 12.64
C ILE A 126 5.37 -12.31 13.78
N TYR A 127 5.04 -13.45 14.41
CA TYR A 127 4.11 -13.48 15.52
C TYR A 127 4.51 -12.60 16.71
N HIS A 128 5.77 -12.65 17.18
CA HIS A 128 6.19 -11.84 18.33
C HIS A 128 6.35 -10.35 18.02
N THR A 129 6.84 -9.99 16.82
CA THR A 129 7.02 -8.57 16.45
C THR A 129 5.69 -7.83 16.26
N VAL A 130 4.62 -8.54 15.89
CA VAL A 130 3.29 -7.93 15.74
C VAL A 130 2.50 -8.04 17.05
N ALA A 131 2.62 -9.19 17.78
CA ALA A 131 1.91 -9.38 19.06
C ALA A 131 2.37 -8.39 20.16
N ILE A 132 3.66 -8.03 20.19
CA ILE A 132 4.22 -7.06 21.14
C ILE A 132 3.69 -5.62 20.89
N GLU A 133 3.07 -5.39 19.72
CA GLU A 133 2.48 -4.10 19.31
C GLU A 133 0.95 -4.05 19.51
N GLY A 134 0.32 -5.20 19.84
CA GLY A 134 -1.11 -5.33 20.09
C GLY A 134 -1.91 -6.25 19.18
N ASN A 135 -1.23 -6.93 18.24
CA ASN A 135 -1.88 -7.82 17.27
C ASN A 135 -2.39 -9.10 17.94
N THR A 136 -3.69 -9.41 17.73
CA THR A 136 -4.37 -10.56 18.35
C THR A 136 -4.28 -11.86 17.50
N LEU A 137 -3.58 -11.85 16.33
CA LEU A 137 -3.47 -13.05 15.50
C LEU A 137 -2.55 -14.09 16.13
N THR A 138 -2.93 -15.36 16.01
CA THR A 138 -2.17 -16.49 16.54
C THR A 138 -1.10 -16.91 15.53
N LEU A 139 -0.20 -17.82 15.94
CA LEU A 139 0.86 -18.34 15.07
C LEU A 139 0.25 -19.19 13.94
N SER A 140 -0.79 -20.00 14.25
CA SER A 140 -1.47 -20.83 13.23
C SER A 140 -2.25 -19.95 12.22
N GLU A 141 -2.79 -18.81 12.69
CA GLU A 141 -3.49 -17.86 11.81
C GLU A 141 -2.49 -17.17 10.88
N ILE A 142 -1.35 -16.70 11.43
CA ILE A 142 -0.24 -16.11 10.63
C ILE A 142 0.24 -17.08 9.54
N ARG A 143 0.36 -18.37 9.88
CA ARG A 143 0.79 -19.43 8.96
C ARG A 143 -0.22 -19.57 7.82
N HIS A 144 -1.54 -19.53 8.15
CA HIS A 144 -2.61 -19.59 7.15
C HIS A 144 -2.53 -18.40 6.20
N ILE A 145 -2.33 -17.18 6.74
CA ILE A 145 -2.23 -15.94 5.96
C ILE A 145 -1.10 -16.00 4.93
N LEU A 146 0.10 -16.37 5.37
CA LEU A 146 1.25 -16.39 4.47
C LEU A 146 1.32 -17.61 3.54
N GLU A 147 0.86 -18.79 4.00
CA GLU A 147 0.89 -19.99 3.15
C GLU A 147 -0.20 -19.92 2.07
N THR A 148 -1.45 -19.64 2.47
CA THR A 148 -2.60 -19.62 1.55
C THR A 148 -2.85 -18.29 0.87
N ARG A 149 -2.57 -17.16 1.56
CA ARG A 149 -2.85 -15.79 1.08
C ARG A 149 -4.37 -15.50 1.11
N TYR A 150 -5.12 -16.31 1.89
CA TYR A 150 -6.56 -16.16 2.08
C TYR A 150 -6.77 -15.63 3.49
N ALA A 151 -7.89 -14.93 3.69
CA ALA A 151 -8.17 -14.28 4.96
C ALA A 151 -8.56 -15.26 6.06
N VAL A 152 -8.23 -14.85 7.30
CA VAL A 152 -8.57 -15.54 8.52
C VAL A 152 -9.95 -15.00 8.90
N PRO A 153 -10.96 -15.85 9.20
CA PRO A 153 -12.28 -15.31 9.55
C PRO A 153 -12.36 -14.58 10.88
N GLY A 154 -13.17 -13.52 10.91
CA GLY A 154 -13.45 -12.75 12.10
C GLY A 154 -12.35 -11.85 12.63
N LYS A 155 -11.27 -11.64 11.88
CA LYS A 155 -10.18 -10.78 12.30
C LYS A 155 -10.10 -9.58 11.35
N SER A 156 -9.62 -8.45 11.84
CA SER A 156 -9.51 -7.22 11.05
C SER A 156 -8.52 -7.36 9.90
N LEU A 157 -8.79 -6.69 8.77
CA LEU A 157 -7.90 -6.72 7.62
C LEU A 157 -6.58 -5.99 7.91
N GLU A 158 -6.60 -4.98 8.81
CA GLU A 158 -5.41 -4.24 9.24
C GLU A 158 -4.41 -5.19 9.90
N GLU A 159 -4.88 -6.01 10.85
CA GLU A 159 -4.04 -6.99 11.55
C GLU A 159 -3.43 -8.03 10.60
N GLN A 160 -4.20 -8.46 9.60
CA GLN A 160 -3.77 -9.43 8.61
C GLN A 160 -2.82 -8.79 7.62
N ASN A 161 -2.99 -7.49 7.30
CA ASN A 161 -2.07 -6.76 6.44
C ASN A 161 -0.74 -6.44 7.14
N GLU A 162 -0.75 -6.32 8.50
CA GLU A 162 0.48 -6.10 9.27
C GLU A 162 1.40 -7.30 9.11
N VAL A 163 0.81 -8.51 9.13
CA VAL A 163 1.51 -9.79 8.94
C VAL A 163 2.09 -9.90 7.52
N ILE A 164 1.32 -9.55 6.49
CA ILE A 164 1.76 -9.58 5.09
C ILE A 164 2.95 -8.63 4.87
N GLY A 165 2.84 -7.43 5.41
CA GLY A 165 3.89 -6.42 5.32
C GLY A 165 5.17 -6.81 6.02
N MET A 166 5.05 -7.49 7.18
CA MET A 166 6.22 -7.98 7.89
C MET A 166 6.95 -9.03 7.03
N HIS A 167 6.21 -9.99 6.48
CA HIS A 167 6.75 -11.02 5.62
C HIS A 167 7.48 -10.43 4.41
N ALA A 168 6.89 -9.37 3.82
CA ALA A 168 7.49 -8.69 2.67
C ALA A 168 8.78 -7.97 3.07
N ALA A 169 8.75 -7.29 4.21
CA ALA A 169 9.90 -6.52 4.72
C ALA A 169 11.08 -7.42 5.00
N MET A 170 10.87 -8.52 5.74
CA MET A 170 11.98 -9.43 6.06
C MET A 170 12.41 -10.32 4.87
N LYS A 171 11.52 -10.60 3.88
CA LYS A 171 11.94 -11.29 2.64
C LYS A 171 12.82 -10.35 1.80
N TYR A 172 12.54 -9.03 1.82
CA TYR A 172 13.35 -8.03 1.11
C TYR A 172 14.70 -7.83 1.79
N ILE A 173 14.75 -7.81 3.14
CA ILE A 173 16.01 -7.63 3.88
C ILE A 173 16.95 -8.80 3.57
N ASN A 174 16.43 -10.02 3.67
CA ASN A 174 17.20 -11.24 3.43
C ASN A 174 17.70 -11.38 1.99
N THR A 175 16.87 -10.98 1.03
CA THR A 175 17.20 -11.09 -0.40
C THR A 175 18.07 -9.95 -0.94
N THR A 176 17.98 -8.73 -0.36
CA THR A 176 18.68 -7.55 -0.88
C THR A 176 19.68 -6.85 0.06
N LEU A 177 19.49 -6.88 1.39
CA LEU A 177 20.32 -6.10 2.33
C LEU A 177 21.38 -6.88 3.14
N VAL A 178 21.05 -8.07 3.64
CA VAL A 178 21.92 -8.84 4.54
C VAL A 178 23.31 -9.11 3.98
N SER A 179 23.38 -9.77 2.81
CA SER A 179 24.64 -10.15 2.15
C SER A 179 25.22 -9.05 1.25
N ARG A 180 24.54 -7.91 1.09
CA ARG A 180 25.01 -6.81 0.26
C ARG A 180 26.22 -6.12 0.85
N ILE A 181 27.18 -5.74 0.00
CA ILE A 181 28.40 -5.03 0.39
C ILE A 181 28.13 -3.54 0.28
N GLY A 182 28.68 -2.77 1.22
CA GLY A 182 28.53 -1.33 1.24
C GLY A 182 27.74 -0.81 2.43
N SER A 183 27.69 0.52 2.54
CA SER A 183 27.02 1.22 3.63
C SER A 183 25.50 1.09 3.60
N VAL A 184 24.87 1.19 4.78
CA VAL A 184 23.42 1.18 4.93
C VAL A 184 22.99 2.61 4.63
N THR A 185 22.01 2.79 3.73
CA THR A 185 21.50 4.09 3.32
C THR A 185 20.17 4.42 3.95
N ILE A 186 19.76 5.67 3.82
CA ILE A 186 18.46 6.14 4.30
C ILE A 186 17.35 5.47 3.44
N SER A 187 17.63 5.23 2.15
CA SER A 187 16.72 4.57 1.23
C SER A 187 16.41 3.15 1.69
N ASP A 188 17.37 2.45 2.33
CA ASP A 188 17.16 1.09 2.84
C ASP A 188 16.18 1.09 4.00
N VAL A 189 16.25 2.11 4.87
CA VAL A 189 15.33 2.27 6.01
C VAL A 189 13.92 2.53 5.49
N LEU A 190 13.79 3.43 4.52
CA LEU A 190 12.51 3.76 3.89
C LEU A 190 11.92 2.57 3.12
N GLU A 191 12.76 1.79 2.43
CA GLU A 191 12.36 0.58 1.68
C GLU A 191 11.77 -0.49 2.61
N ILE A 192 12.39 -0.69 3.78
CA ILE A 192 11.92 -1.61 4.82
C ILE A 192 10.54 -1.12 5.30
N HIS A 193 10.43 0.17 5.69
CA HIS A 193 9.18 0.77 6.15
C HIS A 193 8.07 0.74 5.10
N ARG A 194 8.41 0.96 3.83
CA ARG A 194 7.44 0.86 2.74
C ARG A 194 6.77 -0.51 2.72
N ARG A 195 7.51 -1.59 3.09
CA ARG A 195 6.98 -2.95 3.14
C ARG A 195 6.29 -3.26 4.46
N VAL A 196 6.79 -2.74 5.60
CA VAL A 196 6.19 -2.95 6.92
C VAL A 196 4.79 -2.36 7.00
N LEU A 197 4.62 -1.11 6.54
CA LEU A 197 3.38 -0.34 6.62
C LEU A 197 2.60 -0.22 5.29
N GLY A 198 3.14 -0.77 4.20
CA GLY A 198 2.55 -0.65 2.87
C GLY A 198 1.15 -1.19 2.68
N TYR A 199 0.90 -2.40 3.20
CA TYR A 199 -0.39 -3.08 3.06
C TYR A 199 -1.44 -2.55 4.04
N VAL A 200 -1.02 -1.82 5.10
CA VAL A 200 -1.89 -1.22 6.12
C VAL A 200 -2.16 0.25 5.80
N ASP A 201 -1.11 1.00 5.44
CA ASP A 201 -1.20 2.44 5.13
C ASP A 201 -0.26 2.76 3.95
N PRO A 202 -0.70 2.53 2.70
CA PRO A 202 0.18 2.84 1.56
C PRO A 202 0.49 4.33 1.36
N VAL A 203 -0.33 5.23 1.90
CA VAL A 203 -0.10 6.67 1.77
C VAL A 203 1.12 7.13 2.59
N GLU A 204 1.24 6.67 3.85
CA GLU A 204 2.32 7.05 4.77
C GLU A 204 3.52 6.11 4.78
N ALA A 205 3.40 4.92 4.17
CA ALA A 205 4.48 3.94 4.10
C ALA A 205 5.65 4.43 3.24
N GLY A 206 6.85 4.47 3.82
CA GLY A 206 8.08 4.88 3.16
C GLY A 206 8.34 6.37 3.12
N ARG A 207 7.66 7.13 3.97
CA ARG A 207 7.83 8.58 4.04
C ARG A 207 7.85 9.02 5.47
N PHE A 208 8.63 10.08 5.76
CA PHE A 208 8.77 10.57 7.12
C PHE A 208 7.51 11.23 7.65
N ARG A 209 7.41 11.24 8.98
CA ARG A 209 6.33 11.86 9.73
C ARG A 209 6.35 13.36 9.46
N THR A 210 5.18 13.95 9.23
CA THR A 210 5.03 15.37 8.94
C THR A 210 4.41 16.17 10.09
N THR A 211 3.97 15.50 11.18
CA THR A 211 3.33 16.14 12.33
C THR A 211 4.09 15.82 13.62
N GLN A 212 3.95 16.67 14.65
CA GLN A 212 4.57 16.43 15.95
C GLN A 212 3.57 15.69 16.81
N VAL A 213 4.04 14.70 17.58
CA VAL A 213 3.22 13.83 18.41
C VAL A 213 3.88 13.56 19.75
N LEU A 214 3.11 12.94 20.65
CA LEU A 214 3.60 12.46 21.92
C LEU A 214 3.51 10.96 21.86
N VAL A 215 4.57 10.30 22.32
CA VAL A 215 4.69 8.85 22.32
C VAL A 215 4.90 8.44 23.78
N GLY A 216 3.79 8.16 24.46
CA GLY A 216 3.82 7.84 25.87
C GLY A 216 4.09 9.10 26.67
N HIS A 217 5.31 9.23 27.22
CA HIS A 217 5.74 10.42 27.95
C HIS A 217 6.99 11.02 27.25
N HIS A 218 7.23 10.62 25.97
CA HIS A 218 8.37 11.02 25.16
C HIS A 218 7.92 11.90 23.98
N ILE A 219 8.61 13.04 23.76
CA ILE A 219 8.35 13.96 22.65
C ILE A 219 9.48 13.74 21.66
N PRO A 220 9.26 13.05 20.52
CA PRO A 220 10.36 12.86 19.56
C PRO A 220 10.69 14.14 18.79
N PRO A 221 11.77 14.15 17.99
CA PRO A 221 12.11 15.34 17.21
C PRO A 221 10.96 15.86 16.33
N HIS A 222 10.94 17.18 16.10
CA HIS A 222 9.89 17.81 15.33
C HIS A 222 10.04 17.33 13.88
N PRO A 223 8.95 17.10 13.12
CA PRO A 223 9.09 16.65 11.71
C PRO A 223 10.09 17.40 10.82
N GLN A 224 10.38 18.70 11.08
CA GLN A 224 11.37 19.46 10.32
C GLN A 224 12.82 19.07 10.65
N ASP A 225 13.05 18.37 11.78
CA ASP A 225 14.37 17.90 12.21
C ASP A 225 14.59 16.40 11.92
N VAL A 226 13.51 15.63 11.57
CA VAL A 226 13.58 14.16 11.34
C VAL A 226 14.56 13.77 10.24
N GLU A 227 14.57 14.49 9.11
CA GLU A 227 15.48 14.14 8.00
C GLU A 227 16.94 14.27 8.45
N LYS A 228 17.32 15.38 9.11
CA LYS A 228 18.70 15.58 9.58
C LYS A 228 19.06 14.56 10.66
N GLN A 229 18.17 14.36 11.63
CA GLN A 229 18.35 13.37 12.69
C GLN A 229 18.60 11.97 12.09
N MET A 230 17.94 11.67 10.97
CA MET A 230 18.08 10.39 10.27
C MET A 230 19.34 10.35 9.41
N GLN A 231 19.77 11.49 8.84
CA GLN A 231 21.05 11.55 8.10
C GLN A 231 22.18 11.30 9.09
N GLU A 232 22.08 11.89 10.29
CA GLU A 232 23.07 11.72 11.37
C GLU A 232 23.07 10.28 11.91
N PHE A 233 21.88 9.65 12.01
CA PHE A 233 21.76 8.26 12.48
C PHE A 233 22.44 7.29 11.50
N VAL A 234 22.15 7.39 10.19
CA VAL A 234 22.75 6.51 9.18
C VAL A 234 24.25 6.78 9.01
N GLN A 235 24.69 8.00 9.33
CA GLN A 235 26.12 8.35 9.31
C GLN A 235 26.78 7.60 10.48
N TRP A 236 26.12 7.55 11.64
CA TRP A 236 26.62 6.82 12.80
C TRP A 236 26.67 5.32 12.52
N LEU A 237 25.63 4.77 11.87
CA LEU A 237 25.57 3.33 11.53
C LEU A 237 26.79 2.90 10.69
N ASN A 238 27.30 3.77 9.82
CA ASN A 238 28.44 3.47 8.94
C ASN A 238 29.80 3.88 9.52
N SER A 239 29.81 4.66 10.62
CA SER A 239 31.03 5.12 11.28
C SER A 239 31.86 4.00 11.89
N GLU A 240 33.16 4.27 12.10
CA GLU A 240 34.10 3.33 12.72
C GLU A 240 33.77 3.07 14.21
N GLU A 241 33.19 4.06 14.91
CA GLU A 241 32.82 3.96 16.32
C GLU A 241 31.80 2.85 16.51
N ALA A 242 30.80 2.82 15.61
CA ALA A 242 29.72 1.82 15.59
C ALA A 242 30.24 0.40 15.30
N MET A 243 31.28 0.28 14.45
CA MET A 243 31.90 -1.02 14.13
C MET A 243 32.71 -1.52 15.32
N ASN A 244 33.51 -0.62 15.94
CA ASN A 244 34.31 -0.97 17.12
C ASN A 244 33.45 -1.56 18.27
N LEU A 245 32.17 -1.15 18.41
CA LEU A 245 31.29 -1.70 19.46
C LEU A 245 31.03 -3.19 19.27
N HIS A 246 30.59 -3.85 20.34
CA HIS A 246 30.21 -5.26 20.26
C HIS A 246 28.92 -5.31 19.43
N PRO A 247 28.74 -6.29 18.53
CA PRO A 247 27.50 -6.32 17.72
C PRO A 247 26.19 -6.20 18.51
N VAL A 248 26.11 -6.83 19.69
CA VAL A 248 24.91 -6.77 20.52
C VAL A 248 24.65 -5.35 21.06
N GLU A 249 25.71 -4.59 21.37
CA GLU A 249 25.57 -3.22 21.85
C GLU A 249 25.14 -2.32 20.68
N PHE A 250 25.81 -2.47 19.53
CA PHE A 250 25.52 -1.71 18.30
C PHE A 250 24.09 -1.95 17.78
N ALA A 251 23.66 -3.21 17.77
CA ALA A 251 22.31 -3.58 17.34
C ALA A 251 21.28 -2.94 18.26
N ALA A 252 21.50 -3.03 19.58
CA ALA A 252 20.63 -2.45 20.62
C ALA A 252 20.59 -0.90 20.57
N LEU A 253 21.76 -0.24 20.43
CA LEU A 253 21.80 1.22 20.33
C LEU A 253 21.08 1.68 19.08
N ALA A 254 21.24 0.98 17.94
CA ALA A 254 20.52 1.33 16.70
C ALA A 254 19.02 1.26 16.90
N HIS A 255 18.54 0.15 17.47
CA HIS A 255 17.12 -0.06 17.81
C HIS A 255 16.63 1.14 18.61
N TYR A 256 17.30 1.46 19.74
CA TYR A 256 16.90 2.58 20.61
C TYR A 256 16.84 3.93 19.90
N LYS A 257 17.89 4.27 19.14
CA LYS A 257 17.98 5.56 18.44
C LYS A 257 16.90 5.76 17.38
N LEU A 258 16.45 4.68 16.72
CA LEU A 258 15.40 4.78 15.70
C LEU A 258 14.04 4.99 16.42
N VAL A 259 13.86 4.33 17.57
CA VAL A 259 12.65 4.47 18.40
C VAL A 259 12.61 5.88 19.02
N TYR A 260 13.78 6.44 19.37
CA TYR A 260 13.87 7.79 19.91
C TYR A 260 13.49 8.80 18.83
N ILE A 261 14.03 8.66 17.62
CA ILE A 261 13.74 9.60 16.52
C ILE A 261 12.26 9.53 16.15
N HIS A 262 11.68 8.31 16.10
CA HIS A 262 10.28 8.11 15.74
C HIS A 262 10.03 8.77 14.37
N PRO A 263 10.72 8.28 13.32
CA PRO A 263 10.64 8.96 12.02
C PRO A 263 9.36 8.79 11.22
N PHE A 264 8.55 7.78 11.56
CA PHE A 264 7.30 7.47 10.87
C PHE A 264 6.13 7.66 11.81
N ILE A 265 4.92 7.85 11.26
CA ILE A 265 3.71 7.98 12.09
C ILE A 265 3.33 6.61 12.70
N ASP A 266 3.73 5.49 12.05
CA ASP A 266 3.47 4.14 12.54
C ASP A 266 4.55 3.20 12.02
N GLY A 267 4.66 2.04 12.65
CA GLY A 267 5.65 1.00 12.30
C GLY A 267 7.08 1.28 12.71
N ASN A 268 7.31 2.15 13.69
CA ASN A 268 8.66 2.48 14.17
C ASN A 268 9.33 1.34 14.95
N GLY A 269 8.58 0.68 15.82
CA GLY A 269 9.07 -0.44 16.61
C GLY A 269 9.43 -1.64 15.77
N ARG A 270 8.56 -1.95 14.81
CA ARG A 270 8.73 -3.03 13.85
C ARG A 270 9.94 -2.78 12.95
N THR A 271 10.09 -1.58 12.39
CA THR A 271 11.27 -1.27 11.57
C THR A 271 12.55 -1.25 12.41
N SER A 272 12.50 -0.72 13.64
CA SER A 272 13.70 -0.67 14.50
C SER A 272 14.14 -2.08 14.91
N ARG A 273 13.19 -3.02 15.10
CA ARG A 273 13.50 -4.42 15.39
C ARG A 273 14.05 -5.16 14.14
N LEU A 274 13.63 -4.77 12.90
CA LEU A 274 14.16 -5.34 11.67
C LEU A 274 15.60 -4.80 11.38
N LEU A 275 15.86 -3.52 11.70
CA LEU A 275 17.19 -2.91 11.53
C LEU A 275 18.15 -3.55 12.53
N MET A 276 17.66 -3.83 13.72
CA MET A 276 18.45 -4.45 14.78
C MET A 276 18.93 -5.81 14.29
N ASN A 277 18.03 -6.69 13.80
CA ASN A 277 18.45 -8.01 13.31
C ASN A 277 19.28 -7.95 12.03
N LEU A 278 19.13 -6.90 11.22
CA LEU A 278 19.93 -6.72 10.01
C LEU A 278 21.40 -6.51 10.46
N ILE A 279 21.59 -5.73 11.52
CA ILE A 279 22.91 -5.45 12.13
C ILE A 279 23.51 -6.75 12.72
N LEU A 280 22.67 -7.55 13.41
CA LEU A 280 23.11 -8.82 14.02
C LEU A 280 23.44 -9.85 12.96
N MET A 281 22.59 -10.00 11.94
CA MET A 281 22.84 -10.96 10.88
C MET A 281 24.08 -10.60 10.07
N GLN A 282 24.34 -9.30 9.85
CA GLN A 282 25.57 -8.83 9.19
C GLN A 282 26.83 -9.11 10.04
N ALA A 283 26.68 -9.32 11.36
CA ALA A 283 27.75 -9.65 12.29
C ALA A 283 27.92 -11.16 12.54
N GLY A 284 27.17 -11.98 11.83
CA GLY A 284 27.21 -13.43 12.00
C GLY A 284 26.33 -13.96 13.11
N TYR A 285 25.40 -13.14 13.62
CA TYR A 285 24.47 -13.55 14.68
C TYR A 285 23.15 -13.99 14.07
N PRO A 286 22.35 -14.82 14.76
CA PRO A 286 21.05 -15.18 14.17
C PRO A 286 20.03 -14.07 14.40
N PRO A 287 18.88 -14.09 13.71
CA PRO A 287 17.86 -13.07 13.99
C PRO A 287 17.28 -13.30 15.40
N ILE A 288 17.14 -12.21 16.13
CA ILE A 288 16.65 -12.18 17.51
C ILE A 288 15.18 -11.80 17.59
N THR A 289 14.47 -12.36 18.59
CA THR A 289 13.06 -12.10 18.84
C THR A 289 12.89 -11.58 20.28
N ILE A 290 12.11 -10.51 20.43
CA ILE A 290 11.71 -9.93 21.72
C ILE A 290 10.29 -10.46 21.84
N ARG A 291 10.06 -11.45 22.70
CA ARG A 291 8.75 -12.09 22.85
C ARG A 291 7.65 -11.20 23.39
N LYS A 292 6.40 -11.54 23.00
CA LYS A 292 5.14 -10.89 23.40
C LYS A 292 5.07 -10.68 24.91
N GLU A 293 5.49 -11.69 25.68
CA GLU A 293 5.47 -11.70 27.16
C GLU A 293 6.39 -10.63 27.77
N GLN A 294 7.45 -10.23 27.03
CA GLN A 294 8.42 -9.22 27.46
C GLN A 294 8.00 -7.79 27.08
N ARG A 295 6.74 -7.57 26.63
CA ARG A 295 6.23 -6.23 26.24
C ARG A 295 6.50 -5.20 27.34
N SER A 296 6.08 -5.48 28.58
CA SER A 296 6.27 -4.60 29.73
C SER A 296 7.76 -4.36 30.06
N ASP A 297 8.59 -5.43 30.06
CA ASP A 297 10.02 -5.32 30.32
C ASP A 297 10.70 -4.48 29.25
N TYR A 298 10.30 -4.69 27.99
CA TYR A 298 10.81 -3.97 26.81
C TYR A 298 10.48 -2.47 26.90
N TYR A 299 9.27 -2.10 27.34
CA TYR A 299 8.93 -0.68 27.48
C TYR A 299 9.55 -0.06 28.74
N HIS A 300 9.83 -0.86 29.78
CA HIS A 300 10.50 -0.36 30.99
C HIS A 300 11.94 0.05 30.70
N VAL A 301 12.68 -0.74 29.90
CA VAL A 301 14.07 -0.41 29.58
C VAL A 301 14.18 0.76 28.60
N LEU A 302 13.20 0.93 27.70
CA LEU A 302 13.16 2.08 26.78
C LEU A 302 12.89 3.37 27.56
N GLU A 303 11.99 3.32 28.56
CA GLU A 303 11.70 4.44 29.46
C GLU A 303 12.98 4.83 30.23
N ALA A 304 13.75 3.84 30.72
CA ALA A 304 14.99 4.11 31.46
C ALA A 304 16.06 4.74 30.57
N ALA A 305 16.07 4.37 29.27
CA ALA A 305 16.99 4.93 28.29
C ALA A 305 16.62 6.38 27.97
N ASN A 306 15.30 6.69 27.92
CA ASN A 306 14.82 8.05 27.71
C ASN A 306 15.15 8.92 28.92
N GLU A 307 15.06 8.32 30.14
CA GLU A 307 15.38 9.01 31.40
C GLU A 307 16.88 9.33 31.54
N GLY A 308 17.76 8.57 30.87
CA GLY A 308 19.19 8.85 30.90
C GLY A 308 20.17 7.71 30.76
N ASP A 309 19.76 6.44 31.03
CA ASP A 309 20.67 5.30 30.97
C ASP A 309 20.26 4.20 29.97
N VAL A 310 21.04 4.04 28.88
CA VAL A 310 20.81 3.02 27.83
C VAL A 310 21.29 1.61 28.22
N ARG A 311 22.07 1.47 29.30
CA ARG A 311 22.62 0.16 29.70
C ARG A 311 21.55 -0.89 30.01
N PRO A 312 20.51 -0.62 30.81
CA PRO A 312 19.44 -1.62 30.99
C PRO A 312 18.87 -2.14 29.68
N PHE A 313 18.70 -1.26 28.66
CA PHE A 313 18.23 -1.65 27.34
C PHE A 313 19.24 -2.59 26.67
N ILE A 314 20.53 -2.22 26.67
CA ILE A 314 21.59 -3.02 26.07
C ILE A 314 21.62 -4.41 26.72
N ARG A 315 21.40 -4.48 28.04
CA ARG A 315 21.36 -5.76 28.77
C ARG A 315 20.11 -6.57 28.43
N PHE A 316 18.98 -5.89 28.18
CA PHE A 316 17.73 -6.55 27.78
C PHE A 316 17.90 -7.21 26.41
N ILE A 317 18.56 -6.51 25.45
CA ILE A 317 18.82 -7.04 24.11
C ILE A 317 19.78 -8.21 24.20
N ALA A 318 20.82 -8.08 25.02
CA ALA A 318 21.81 -9.14 25.22
C ALA A 318 21.17 -10.43 25.76
N LYS A 319 20.27 -10.33 26.74
CA LYS A 319 19.56 -11.50 27.28
C LYS A 319 18.68 -12.12 26.18
N CYS A 320 18.03 -11.27 25.35
CA CYS A 320 17.22 -11.73 24.22
C CYS A 320 18.07 -12.53 23.23
N THR A 321 19.36 -12.13 23.00
CA THR A 321 20.25 -12.87 22.10
C THR A 321 20.64 -14.22 22.71
N GLU A 322 20.95 -14.27 24.02
CA GLU A 322 21.32 -15.52 24.68
C GLU A 322 20.16 -16.52 24.65
N THR A 323 18.93 -16.07 24.92
CA THR A 323 17.76 -16.97 24.90
C THR A 323 17.55 -17.56 23.49
N THR A 324 17.74 -16.74 22.44
CA THR A 324 17.63 -17.18 21.05
C THR A 324 18.72 -18.21 20.74
N LEU A 325 19.96 -17.95 21.18
CA LEU A 325 21.07 -18.88 20.98
C LEU A 325 20.87 -20.16 21.77
N ASP A 326 20.29 -20.08 22.98
CA ASP A 326 20.02 -21.28 23.79
C ASP A 326 18.97 -22.18 23.12
N THR A 327 17.97 -21.57 22.46
CA THR A 327 16.93 -22.31 21.74
C THR A 327 17.54 -23.01 20.51
N LEU A 328 18.46 -22.33 19.81
CA LEU A 328 19.16 -22.90 18.64
C LEU A 328 20.19 -23.95 19.07
N LEU A 329 20.80 -23.80 20.25
CA LEU A 329 21.76 -24.78 20.78
C LEU A 329 21.08 -26.06 21.25
N PHE A 330 19.74 -26.15 21.25
CA PHE A 330 19.05 -27.40 21.60
C PHE A 330 19.25 -28.55 20.57
N ALA A 331 19.91 -28.30 19.41
CA ALA A 331 20.27 -29.33 18.42
C ALA A 331 21.79 -29.64 18.49
N THR A 332 22.19 -30.91 18.25
CA THR A 332 23.59 -31.39 18.32
C THR A 332 24.64 -30.42 17.75
N GLU B 4 -13.24 -19.56 -50.44
CA GLU B 4 -14.56 -19.71 -49.83
C GLU B 4 -15.13 -18.36 -49.34
N ALA B 5 -14.27 -17.36 -49.04
CA ALA B 5 -14.70 -16.03 -48.57
C ALA B 5 -15.50 -15.28 -49.66
N ARG B 6 -15.04 -15.34 -50.93
CA ARG B 6 -15.72 -14.71 -52.07
C ARG B 6 -17.03 -15.46 -52.38
N ALA B 7 -17.07 -16.79 -52.17
CA ALA B 7 -18.27 -17.61 -52.39
C ALA B 7 -19.34 -17.29 -51.34
N ALA B 8 -18.93 -17.09 -50.08
CA ALA B 8 -19.83 -16.72 -48.99
C ALA B 8 -20.43 -15.33 -49.20
N LEU B 9 -19.65 -14.40 -49.80
CA LEU B 9 -20.11 -13.05 -50.12
C LEU B 9 -21.17 -13.12 -51.22
N ASN B 10 -20.86 -13.80 -52.33
CA ASN B 10 -21.81 -13.97 -53.46
C ASN B 10 -23.06 -14.74 -53.02
N GLN B 11 -22.93 -15.65 -52.02
CA GLN B 11 -24.08 -16.39 -51.45
C GLN B 11 -24.96 -15.42 -50.64
N ALA B 12 -24.33 -14.49 -49.90
CA ALA B 12 -25.05 -13.48 -49.11
C ALA B 12 -25.79 -12.49 -50.02
N LEU B 13 -25.19 -12.13 -51.17
CA LEU B 13 -25.81 -11.22 -52.15
C LEU B 13 -27.06 -11.90 -52.75
N GLU B 14 -26.98 -13.23 -53.01
CA GLU B 14 -28.09 -14.02 -53.56
C GLU B 14 -29.33 -14.00 -52.65
N MET B 15 -29.14 -14.06 -51.31
CA MET B 15 -30.25 -14.03 -50.36
C MET B 15 -30.79 -12.60 -50.20
N LYS B 16 -29.89 -11.60 -50.16
CA LYS B 16 -30.29 -10.19 -50.04
C LYS B 16 -31.17 -9.77 -51.23
N ARG B 17 -30.81 -10.22 -52.45
CA ARG B 17 -31.57 -9.91 -53.68
C ARG B 17 -32.94 -10.61 -53.68
N GLN B 18 -32.98 -11.89 -53.24
CA GLN B 18 -34.24 -12.66 -53.19
C GLN B 18 -35.15 -12.16 -52.07
N GLY B 19 -34.63 -12.11 -50.84
CA GLY B 19 -35.40 -11.65 -49.69
C GLY B 19 -34.83 -12.01 -48.34
N LYS B 20 -34.61 -13.32 -48.09
CA LYS B 20 -34.11 -13.86 -46.80
C LYS B 20 -32.98 -13.02 -46.15
N ARG B 21 -33.35 -12.05 -45.27
CA ARG B 21 -32.36 -11.19 -44.61
C ARG B 21 -31.68 -11.87 -43.42
N GLU B 22 -32.37 -12.81 -42.72
CA GLU B 22 -31.76 -13.56 -41.61
C GLU B 22 -30.59 -14.43 -42.09
N LYS B 23 -30.77 -15.14 -43.22
CA LYS B 23 -29.72 -15.99 -43.79
C LYS B 23 -28.59 -15.17 -44.43
N ALA B 24 -28.88 -13.94 -44.90
CA ALA B 24 -27.89 -13.05 -45.51
C ALA B 24 -26.88 -12.56 -44.47
N GLN B 25 -27.37 -12.05 -43.32
CA GLN B 25 -26.53 -11.54 -42.23
C GLN B 25 -25.56 -12.61 -41.70
N LYS B 26 -26.02 -13.86 -41.58
CA LYS B 26 -25.19 -14.99 -41.15
C LYS B 26 -24.10 -15.30 -42.19
N LEU B 27 -24.46 -15.26 -43.49
CA LEU B 27 -23.52 -15.48 -44.60
C LEU B 27 -22.54 -14.30 -44.72
N PHE B 28 -22.99 -13.06 -44.42
CA PHE B 28 -22.13 -11.86 -44.44
C PHE B 28 -21.11 -11.94 -43.30
N MET B 29 -21.58 -12.30 -42.09
CA MET B 29 -20.72 -12.43 -40.91
C MET B 29 -19.68 -13.56 -41.06
N HIS B 30 -19.98 -14.62 -41.82
CA HIS B 30 -19.09 -15.75 -42.03
C HIS B 30 -17.93 -15.33 -42.94
N ALA B 31 -18.22 -14.56 -44.01
CA ALA B 31 -17.18 -14.05 -44.93
C ALA B 31 -16.20 -13.09 -44.21
N LEU B 32 -16.70 -12.35 -43.20
CA LEU B 32 -15.87 -11.44 -42.39
C LEU B 32 -15.08 -12.22 -41.33
N LYS B 33 -15.65 -13.32 -40.79
CA LYS B 33 -14.93 -14.17 -39.82
C LYS B 33 -13.75 -14.87 -40.51
N MET B 34 -13.95 -15.31 -41.78
CA MET B 34 -12.92 -15.96 -42.61
C MET B 34 -11.81 -14.97 -42.95
N ASP B 35 -12.18 -13.76 -43.39
CA ASP B 35 -11.23 -12.70 -43.78
C ASP B 35 -11.74 -11.34 -43.24
N PRO B 36 -11.29 -10.89 -42.05
CA PRO B 36 -11.77 -9.60 -41.50
C PRO B 36 -11.28 -8.33 -42.18
N ASP B 37 -10.35 -8.44 -43.17
CA ASP B 37 -9.84 -7.31 -43.94
C ASP B 37 -10.29 -7.42 -45.41
N PHE B 38 -11.51 -7.98 -45.63
CA PHE B 38 -12.11 -8.16 -46.95
C PHE B 38 -12.86 -6.88 -47.32
N VAL B 39 -12.31 -6.10 -48.25
CA VAL B 39 -12.84 -4.81 -48.68
C VAL B 39 -14.24 -4.90 -49.32
N ASP B 40 -14.47 -5.87 -50.20
CA ASP B 40 -15.76 -6.01 -50.91
C ASP B 40 -16.90 -6.47 -49.99
N ALA B 41 -16.61 -7.36 -49.03
CA ALA B 41 -17.63 -7.84 -48.08
C ALA B 41 -18.01 -6.76 -47.07
N LEU B 42 -17.06 -5.85 -46.73
CA LEU B 42 -17.33 -4.77 -45.79
C LEU B 42 -18.32 -3.76 -46.41
N THR B 43 -18.12 -3.40 -47.70
CA THR B 43 -19.02 -2.45 -48.39
C THR B 43 -20.40 -3.06 -48.59
N GLU B 44 -20.45 -4.32 -49.08
CA GLU B 44 -21.73 -5.00 -49.32
C GLU B 44 -22.48 -5.22 -47.99
N PHE B 45 -21.77 -5.50 -46.88
CA PHE B 45 -22.42 -5.66 -45.59
C PHE B 45 -22.86 -4.28 -45.01
N GLY B 46 -22.14 -3.22 -45.40
CA GLY B 46 -22.47 -1.85 -45.03
C GLY B 46 -23.75 -1.39 -45.69
N ILE B 47 -23.88 -1.61 -47.01
CA ILE B 47 -25.09 -1.25 -47.77
C ILE B 47 -26.27 -2.09 -47.27
N PHE B 48 -26.01 -3.37 -46.93
CA PHE B 48 -27.03 -4.27 -46.39
C PHE B 48 -27.55 -3.74 -45.04
N SER B 49 -26.64 -3.27 -44.16
CA SER B 49 -27.04 -2.75 -42.85
C SER B 49 -27.82 -1.42 -42.94
N GLU B 50 -27.59 -0.60 -44.00
CA GLU B 50 -28.35 0.65 -44.21
C GLU B 50 -29.81 0.37 -44.51
N GLU B 51 -30.13 -0.81 -45.05
CA GLU B 51 -31.50 -1.21 -45.35
C GLU B 51 -32.31 -1.48 -44.07
N ASP B 52 -31.62 -1.75 -42.91
CA ASP B 52 -32.28 -1.89 -41.61
C ASP B 52 -32.16 -0.57 -40.82
N LYS B 53 -31.82 0.56 -41.50
CA LYS B 53 -31.64 1.89 -40.93
C LYS B 53 -30.42 1.98 -39.98
N ASP B 54 -29.44 1.05 -40.10
CA ASP B 54 -28.24 1.04 -39.26
C ASP B 54 -27.08 1.75 -39.98
N ILE B 55 -27.13 3.09 -39.96
CA ILE B 55 -26.13 3.96 -40.60
C ILE B 55 -24.84 4.00 -39.80
N ILE B 56 -24.92 3.86 -38.45
CA ILE B 56 -23.72 3.87 -37.60
C ILE B 56 -22.84 2.67 -37.94
N GLN B 57 -23.46 1.47 -38.10
CA GLN B 57 -22.76 0.24 -38.48
C GLN B 57 -22.22 0.34 -39.90
N ALA B 58 -23.02 0.88 -40.84
CA ALA B 58 -22.63 1.05 -42.24
C ALA B 58 -21.39 1.92 -42.37
N ASP B 59 -21.36 3.10 -41.74
CA ASP B 59 -20.20 4.00 -41.77
C ASP B 59 -18.97 3.29 -41.17
N TYR B 60 -19.15 2.52 -40.06
CA TYR B 60 -18.06 1.78 -39.43
C TYR B 60 -17.44 0.83 -40.44
N LEU B 61 -18.29 0.08 -41.18
CA LEU B 61 -17.87 -0.89 -42.20
C LEU B 61 -17.17 -0.24 -43.39
N TYR B 62 -17.69 0.87 -43.95
CA TYR B 62 -17.04 1.58 -45.06
C TYR B 62 -15.69 2.17 -44.60
N THR B 63 -15.65 2.72 -43.35
CA THR B 63 -14.43 3.29 -42.76
C THR B 63 -13.36 2.18 -42.61
N ARG B 64 -13.79 0.96 -42.19
CA ARG B 64 -12.93 -0.23 -42.01
C ARG B 64 -12.41 -0.69 -43.38
N ALA B 65 -13.24 -0.59 -44.43
CA ALA B 65 -12.87 -0.97 -45.80
C ALA B 65 -11.86 -0.01 -46.41
N LEU B 66 -11.95 1.30 -46.10
CA LEU B 66 -11.03 2.31 -46.61
C LEU B 66 -9.72 2.42 -45.82
N THR B 67 -9.58 1.66 -44.71
CA THR B 67 -8.35 1.61 -43.92
C THR B 67 -7.39 0.55 -44.53
N ILE B 68 -7.86 -0.20 -45.55
CA ILE B 68 -7.14 -1.24 -46.28
C ILE B 68 -6.90 -0.74 -47.71
N SER B 69 -8.00 -0.44 -48.45
CA SER B 69 -7.97 0.09 -49.82
C SER B 69 -8.63 1.47 -49.84
N PRO B 70 -7.83 2.54 -49.56
CA PRO B 70 -8.40 3.91 -49.56
C PRO B 70 -9.06 4.45 -50.82
N TYR B 71 -8.79 3.87 -52.00
CA TYR B 71 -9.36 4.33 -53.28
C TYR B 71 -10.48 3.42 -53.82
N HIS B 72 -11.07 2.55 -52.96
CA HIS B 72 -12.15 1.66 -53.39
C HIS B 72 -13.41 2.50 -53.65
N GLU B 73 -13.74 2.70 -54.94
CA GLU B 73 -14.87 3.51 -55.40
C GLU B 73 -16.21 3.32 -54.66
N LYS B 74 -16.67 2.06 -54.48
CA LYS B 74 -17.94 1.78 -53.82
C LYS B 74 -17.94 2.13 -52.32
N ALA B 75 -16.76 2.06 -51.67
CA ALA B 75 -16.62 2.44 -50.27
C ALA B 75 -16.56 3.97 -50.18
N LEU B 76 -15.67 4.61 -51.00
CA LEU B 76 -15.49 6.07 -51.04
C LEU B 76 -16.80 6.82 -51.29
N VAL B 77 -17.60 6.38 -52.28
CA VAL B 77 -18.86 7.04 -52.63
C VAL B 77 -19.88 7.00 -51.48
N ASN B 78 -19.91 5.89 -50.73
CA ASN B 78 -20.83 5.74 -49.60
C ASN B 78 -20.27 6.36 -48.32
N ARG B 79 -18.94 6.27 -48.07
CA ARG B 79 -18.34 6.83 -46.86
C ARG B 79 -18.44 8.36 -46.82
N ASP B 80 -18.17 9.02 -47.97
CA ASP B 80 -18.28 10.49 -48.09
C ASP B 80 -19.72 10.95 -47.76
N ARG B 81 -20.69 10.09 -48.06
CA ARG B 81 -22.11 10.30 -47.81
C ARG B 81 -22.44 10.10 -46.31
N THR B 82 -22.04 8.95 -45.72
CA THR B 82 -22.31 8.64 -44.30
C THR B 82 -21.45 9.36 -43.26
N LEU B 83 -20.25 9.87 -43.65
CA LEU B 83 -19.34 10.57 -42.72
C LEU B 83 -20.02 11.75 -41.99
N PRO B 84 -20.55 12.79 -42.69
CA PRO B 84 -21.24 13.89 -41.97
C PRO B 84 -22.58 13.49 -41.31
N LEU B 85 -23.19 12.42 -41.82
CA LEU B 85 -24.46 11.88 -41.32
C LEU B 85 -24.28 11.34 -39.91
N VAL B 86 -23.28 10.45 -39.69
CA VAL B 86 -23.03 9.89 -38.36
C VAL B 86 -22.59 10.98 -37.41
N GLU B 87 -21.75 11.95 -37.88
CA GLU B 87 -21.34 13.09 -37.07
C GLU B 87 -22.55 13.82 -36.47
N GLU B 88 -23.63 14.01 -37.26
CA GLU B 88 -24.87 14.64 -36.78
C GLU B 88 -25.57 13.72 -35.79
N ILE B 89 -25.85 12.46 -36.19
CA ILE B 89 -26.49 11.45 -35.32
C ILE B 89 -25.78 11.38 -33.94
N ASP B 90 -24.44 11.39 -33.95
CA ASP B 90 -23.63 11.34 -32.74
C ASP B 90 -23.85 12.61 -31.89
N GLN B 91 -23.87 13.80 -32.52
CA GLN B 91 -24.12 15.09 -31.85
C GLN B 91 -25.53 15.12 -31.20
N ARG B 92 -26.52 14.59 -31.90
CA ARG B 92 -27.91 14.54 -31.44
C ARG B 92 -28.08 13.65 -30.19
N TYR B 93 -27.30 12.58 -30.06
CA TYR B 93 -27.37 11.69 -28.89
C TYR B 93 -26.75 12.38 -27.67
N PHE B 94 -25.72 13.21 -27.89
CA PHE B 94 -25.07 13.97 -26.83
C PHE B 94 -26.03 15.05 -26.32
N SER B 95 -26.77 15.72 -27.22
CA SER B 95 -27.75 16.74 -26.81
C SER B 95 -28.91 16.10 -26.03
N ILE B 96 -29.26 14.83 -26.33
CA ILE B 96 -30.27 14.08 -25.56
C ILE B 96 -29.70 13.87 -24.15
N ILE B 97 -28.41 13.50 -24.06
CA ILE B 97 -27.74 13.31 -22.77
C ILE B 97 -27.65 14.65 -22.01
N ASP B 98 -27.35 15.76 -22.70
CA ASP B 98 -27.26 17.09 -22.05
C ASP B 98 -28.58 17.50 -21.38
N SER B 99 -29.72 17.20 -22.01
CA SER B 99 -31.03 17.53 -21.46
C SER B 99 -31.34 16.67 -20.22
N LYS B 100 -30.91 15.40 -20.22
CA LYS B 100 -31.09 14.51 -19.06
C LYS B 100 -30.18 14.91 -17.87
N VAL B 101 -29.02 15.54 -18.14
CA VAL B 101 -28.10 16.03 -17.08
C VAL B 101 -28.77 17.25 -16.42
N LYS B 102 -29.44 18.10 -17.25
CA LYS B 102 -30.19 19.28 -16.80
C LYS B 102 -31.30 18.82 -15.84
N LYS B 103 -32.15 17.90 -16.32
CA LYS B 103 -33.29 17.30 -15.60
C LYS B 103 -32.86 16.64 -14.26
N VAL B 104 -31.65 16.04 -14.22
CA VAL B 104 -31.11 15.40 -13.01
C VAL B 104 -30.46 16.47 -12.07
N MET B 105 -30.28 17.72 -12.57
CA MET B 105 -29.77 18.85 -11.79
C MET B 105 -30.92 19.78 -11.32
N SER B 106 -32.21 19.37 -11.49
CA SER B 106 -33.39 20.15 -11.08
C SER B 106 -34.13 19.44 -9.94
N ALA B 113 -33.82 12.94 -1.37
CA ALA B 113 -33.25 11.59 -1.44
C ALA B 113 -32.07 11.46 -2.44
N LEU B 114 -31.94 12.37 -3.44
CA LEU B 114 -30.86 12.34 -4.45
C LEU B 114 -29.44 12.09 -3.87
N ARG B 115 -29.13 12.70 -2.70
CA ARG B 115 -27.84 12.51 -2.03
C ARG B 115 -27.73 11.11 -1.39
N ARG B 116 -28.83 10.65 -0.75
CA ARG B 116 -28.87 9.31 -0.13
C ARG B 116 -28.89 8.21 -1.19
N VAL B 117 -29.55 8.47 -2.34
CA VAL B 117 -29.63 7.54 -3.48
C VAL B 117 -28.24 7.42 -4.16
N MET B 118 -27.49 8.53 -4.25
CA MET B 118 -26.14 8.53 -4.86
C MET B 118 -25.16 7.71 -4.00
N GLU B 119 -25.19 7.89 -2.66
CA GLU B 119 -24.34 7.12 -1.75
C GLU B 119 -24.83 5.67 -1.54
N GLU B 120 -26.11 5.38 -1.91
CA GLU B 120 -26.66 4.01 -1.88
C GLU B 120 -25.98 3.18 -2.98
N THR B 121 -25.65 3.82 -4.13
CA THR B 121 -24.96 3.18 -5.26
C THR B 121 -23.45 3.57 -5.27
N TYR B 122 -22.84 3.73 -4.08
CA TYR B 122 -21.41 4.02 -3.93
C TYR B 122 -20.66 2.68 -3.88
N TYR B 123 -21.21 1.70 -3.12
CA TYR B 123 -20.66 0.35 -3.03
C TYR B 123 -20.89 -0.36 -4.36
N HIS B 124 -21.98 0.03 -5.05
CA HIS B 124 -22.37 -0.46 -6.37
C HIS B 124 -21.28 -0.16 -7.41
N HIS B 125 -20.66 1.05 -7.38
CA HIS B 125 -19.57 1.37 -8.29
C HIS B 125 -18.32 0.57 -7.94
N ILE B 126 -17.99 0.38 -6.64
CA ILE B 126 -16.81 -0.40 -6.29
C ILE B 126 -16.98 -1.87 -6.73
N TYR B 127 -18.19 -2.42 -6.62
CA TYR B 127 -18.45 -3.81 -7.04
C TYR B 127 -18.23 -4.05 -8.53
N HIS B 128 -18.75 -3.18 -9.40
CA HIS B 128 -18.61 -3.34 -10.85
C HIS B 128 -17.19 -3.10 -11.36
N THR B 129 -16.49 -2.06 -10.87
CA THR B 129 -15.12 -1.77 -11.31
C THR B 129 -14.13 -2.89 -10.95
N VAL B 130 -14.37 -3.60 -9.81
CA VAL B 130 -13.53 -4.72 -9.39
C VAL B 130 -14.03 -6.04 -10.01
N ALA B 131 -15.37 -6.22 -10.14
CA ALA B 131 -15.94 -7.43 -10.77
C ALA B 131 -15.63 -7.54 -12.26
N ILE B 132 -15.55 -6.39 -12.97
CA ILE B 132 -15.24 -6.36 -14.42
C ILE B 132 -13.76 -6.74 -14.67
N GLU B 133 -12.92 -6.71 -13.60
CA GLU B 133 -11.50 -7.08 -13.65
C GLU B 133 -11.25 -8.54 -13.17
N GLY B 134 -12.31 -9.26 -12.76
CA GLY B 134 -12.23 -10.65 -12.30
C GLY B 134 -12.42 -10.91 -10.82
N ASN B 135 -12.78 -9.88 -10.01
CA ASN B 135 -12.96 -10.04 -8.56
C ASN B 135 -14.27 -10.79 -8.29
N THR B 136 -14.22 -11.83 -7.44
CA THR B 136 -15.36 -12.67 -7.11
C THR B 136 -16.18 -12.20 -5.89
N LEU B 137 -15.83 -11.05 -5.27
CA LEU B 137 -16.57 -10.54 -4.11
C LEU B 137 -17.95 -10.02 -4.51
N THR B 138 -18.95 -10.28 -3.66
CA THR B 138 -20.32 -9.82 -3.88
C THR B 138 -20.49 -8.39 -3.34
N LEU B 139 -21.64 -7.77 -3.61
CA LEU B 139 -21.95 -6.43 -3.13
C LEU B 139 -22.12 -6.44 -1.60
N SER B 140 -22.76 -7.49 -1.04
CA SER B 140 -22.94 -7.62 0.42
C SER B 140 -21.58 -7.86 1.14
N GLU B 141 -20.65 -8.57 0.48
CA GLU B 141 -19.31 -8.81 1.01
C GLU B 141 -18.52 -7.50 1.01
N ILE B 142 -18.55 -6.73 -0.10
CA ILE B 142 -17.92 -5.40 -0.21
C ILE B 142 -18.42 -4.46 0.89
N ARG B 143 -19.75 -4.49 1.16
CA ARG B 143 -20.39 -3.67 2.19
C ARG B 143 -19.84 -4.04 3.57
N HIS B 144 -19.67 -5.35 3.84
CA HIS B 144 -19.09 -5.84 5.10
C HIS B 144 -17.65 -5.34 5.26
N ILE B 145 -16.84 -5.43 4.19
CA ILE B 145 -15.43 -5.01 4.19
C ILE B 145 -15.29 -3.52 4.55
N LEU B 146 -16.06 -2.68 3.86
CA LEU B 146 -15.98 -1.23 4.01
C LEU B 146 -16.67 -0.68 5.26
N GLU B 147 -17.76 -1.31 5.73
CA GLU B 147 -18.47 -0.86 6.94
C GLU B 147 -17.74 -1.33 8.21
N THR B 148 -17.41 -2.63 8.29
CA THR B 148 -16.78 -3.21 9.48
C THR B 148 -15.26 -3.14 9.50
N ARG B 149 -14.60 -3.24 8.32
CA ARG B 149 -13.14 -3.29 8.19
C ARG B 149 -12.59 -4.66 8.65
N TYR B 150 -13.47 -5.67 8.75
CA TYR B 150 -13.13 -7.04 9.12
C TYR B 150 -13.20 -7.88 7.87
N ALA B 151 -12.46 -8.98 7.86
CA ALA B 151 -12.37 -9.86 6.69
C ALA B 151 -13.62 -10.69 6.44
N VAL B 152 -13.87 -10.99 5.17
CA VAL B 152 -14.96 -11.82 4.69
C VAL B 152 -14.37 -13.25 4.62
N PRO B 153 -15.03 -14.26 5.21
CA PRO B 153 -14.43 -15.61 5.23
C PRO B 153 -14.32 -16.30 3.88
N GLY B 154 -13.24 -17.06 3.71
CA GLY B 154 -12.99 -17.87 2.53
C GLY B 154 -12.61 -17.15 1.26
N LYS B 155 -12.32 -15.84 1.31
CA LYS B 155 -11.92 -15.08 0.12
C LYS B 155 -10.49 -14.59 0.31
N SER B 156 -9.77 -14.41 -0.81
CA SER B 156 -8.38 -13.97 -0.78
C SER B 156 -8.22 -12.56 -0.22
N LEU B 157 -7.12 -12.30 0.47
CA LEU B 157 -6.83 -10.97 1.02
C LEU B 157 -6.56 -9.94 -0.09
N GLU B 158 -6.03 -10.40 -1.25
CA GLU B 158 -5.79 -9.55 -2.43
C GLU B 158 -7.10 -8.94 -2.92
N GLU B 159 -8.13 -9.79 -3.10
CA GLU B 159 -9.47 -9.34 -3.55
C GLU B 159 -10.10 -8.34 -2.58
N GLN B 160 -9.91 -8.57 -1.28
CA GLN B 160 -10.46 -7.70 -0.23
C GLN B 160 -9.66 -6.40 -0.14
N ASN B 161 -8.35 -6.45 -0.42
CA ASN B 161 -7.53 -5.23 -0.46
C ASN B 161 -7.80 -4.40 -1.72
N GLU B 162 -8.24 -5.02 -2.83
CA GLU B 162 -8.61 -4.29 -4.05
C GLU B 162 -9.79 -3.37 -3.76
N VAL B 163 -10.76 -3.87 -2.97
CA VAL B 163 -11.96 -3.14 -2.52
C VAL B 163 -11.59 -1.97 -1.60
N ILE B 164 -10.68 -2.19 -0.63
CA ILE B 164 -10.21 -1.15 0.30
C ILE B 164 -9.51 -0.02 -0.46
N GLY B 165 -8.65 -0.39 -1.41
CA GLY B 165 -7.92 0.56 -2.24
C GLY B 165 -8.82 1.37 -3.13
N MET B 166 -9.88 0.77 -3.67
CA MET B 166 -10.85 1.49 -4.49
C MET B 166 -11.55 2.56 -3.63
N HIS B 167 -12.02 2.17 -2.45
CA HIS B 167 -12.67 3.08 -1.53
C HIS B 167 -11.76 4.28 -1.16
N ALA B 168 -10.47 4.00 -0.94
CA ALA B 168 -9.48 5.04 -0.62
C ALA B 168 -9.26 5.98 -1.79
N ALA B 169 -9.14 5.40 -3.01
CA ALA B 169 -8.90 6.16 -4.24
C ALA B 169 -10.04 7.13 -4.53
N MET B 170 -11.29 6.63 -4.52
CA MET B 170 -12.44 7.50 -4.80
C MET B 170 -12.79 8.46 -3.65
N LYS B 171 -12.44 8.13 -2.37
CA LYS B 171 -12.61 9.08 -1.26
C LYS B 171 -11.58 10.23 -1.41
N TYR B 172 -10.36 9.93 -1.92
CA TYR B 172 -9.32 10.94 -2.17
C TYR B 172 -9.70 11.82 -3.36
N ILE B 173 -10.26 11.24 -4.44
CA ILE B 173 -10.66 12.02 -5.61
C ILE B 173 -11.73 13.05 -5.22
N ASN B 174 -12.75 12.57 -4.52
CA ASN B 174 -13.88 13.41 -4.10
C ASN B 174 -13.47 14.51 -3.11
N THR B 175 -12.55 14.20 -2.19
CA THR B 175 -12.12 15.13 -1.15
C THR B 175 -11.05 16.14 -1.61
N THR B 176 -10.15 15.79 -2.55
CA THR B 176 -9.08 16.73 -2.93
C THR B 176 -8.88 17.03 -4.42
N LEU B 177 -9.56 16.33 -5.36
CA LEU B 177 -9.36 16.58 -6.80
C LEU B 177 -10.58 17.14 -7.56
N VAL B 178 -11.81 16.65 -7.29
CA VAL B 178 -13.04 17.05 -8.01
C VAL B 178 -13.26 18.56 -8.03
N SER B 179 -13.34 19.17 -6.83
CA SER B 179 -13.59 20.60 -6.67
C SER B 179 -12.30 21.46 -6.73
N ARG B 180 -11.13 20.82 -6.94
CA ARG B 180 -9.83 21.48 -7.02
C ARG B 180 -9.74 22.33 -8.27
N ILE B 181 -9.07 23.49 -8.15
CA ILE B 181 -8.86 24.44 -9.24
C ILE B 181 -7.46 24.20 -9.81
N GLY B 182 -7.33 24.33 -11.12
CA GLY B 182 -6.05 24.15 -11.82
C GLY B 182 -5.98 22.92 -12.69
N SER B 183 -4.86 22.77 -13.39
CA SER B 183 -4.60 21.65 -14.28
C SER B 183 -4.43 20.31 -13.55
N VAL B 184 -4.76 19.21 -14.25
CA VAL B 184 -4.57 17.85 -13.75
C VAL B 184 -3.10 17.52 -14.01
N THR B 185 -2.38 17.07 -12.98
CA THR B 185 -0.96 16.73 -13.07
C THR B 185 -0.72 15.24 -13.15
N ILE B 186 0.52 14.87 -13.46
CA ILE B 186 0.96 13.48 -13.51
C ILE B 186 0.91 12.92 -12.07
N SER B 187 1.23 13.77 -11.06
CA SER B 187 1.18 13.40 -9.65
C SER B 187 -0.24 13.00 -9.21
N ASP B 188 -1.28 13.59 -9.83
CA ASP B 188 -2.68 13.27 -9.53
C ASP B 188 -3.03 11.87 -10.02
N VAL B 189 -2.45 11.44 -11.15
CA VAL B 189 -2.71 10.10 -11.68
C VAL B 189 -2.02 9.10 -10.76
N LEU B 190 -0.76 9.36 -10.42
CA LEU B 190 0.04 8.50 -9.54
C LEU B 190 -0.56 8.38 -8.14
N GLU B 191 -1.11 9.47 -7.59
CA GLU B 191 -1.77 9.51 -6.27
C GLU B 191 -3.02 8.60 -6.23
N ILE B 192 -3.81 8.62 -7.30
CA ILE B 192 -4.98 7.75 -7.47
C ILE B 192 -4.50 6.30 -7.49
N HIS B 193 -3.50 5.98 -8.36
CA HIS B 193 -2.95 4.63 -8.47
C HIS B 193 -2.30 4.14 -7.18
N ARG B 194 -1.67 5.05 -6.41
CA ARG B 194 -1.07 4.69 -5.14
C ARG B 194 -2.15 4.15 -4.16
N ARG B 195 -3.38 4.64 -4.28
CA ARG B 195 -4.51 4.19 -3.46
C ARG B 195 -5.23 2.98 -4.05
N VAL B 196 -5.34 2.89 -5.38
CA VAL B 196 -5.98 1.76 -6.07
C VAL B 196 -5.22 0.45 -5.81
N LEU B 197 -3.87 0.47 -5.97
CA LEU B 197 -3.01 -0.71 -5.79
C LEU B 197 -2.32 -0.84 -4.43
N GLY B 198 -2.13 0.26 -3.70
CA GLY B 198 -1.44 0.32 -2.42
C GLY B 198 -1.62 -0.80 -1.41
N TYR B 199 -2.87 -1.22 -1.18
CA TYR B 199 -3.17 -2.28 -0.20
C TYR B 199 -2.90 -3.68 -0.78
N VAL B 200 -2.79 -3.81 -2.11
CA VAL B 200 -2.51 -5.06 -2.82
C VAL B 200 -1.03 -5.21 -3.12
N ASP B 201 -0.40 -4.15 -3.64
CA ASP B 201 1.01 -4.12 -4.02
C ASP B 201 1.61 -2.76 -3.68
N PRO B 202 2.01 -2.54 -2.42
CA PRO B 202 2.62 -1.24 -2.06
C PRO B 202 3.96 -0.92 -2.75
N VAL B 203 4.68 -1.94 -3.24
CA VAL B 203 5.96 -1.73 -3.92
C VAL B 203 5.76 -1.06 -5.29
N GLU B 204 4.79 -1.53 -6.09
CA GLU B 204 4.51 -1.03 -7.45
C GLU B 204 3.45 0.06 -7.52
N ALA B 205 2.69 0.28 -6.44
CA ALA B 205 1.64 1.30 -6.38
C ALA B 205 2.22 2.71 -6.46
N GLY B 206 1.76 3.49 -7.44
CA GLY B 206 2.18 4.88 -7.64
C GLY B 206 3.46 5.06 -8.42
N ARG B 207 3.89 4.03 -9.16
CA ARG B 207 5.11 4.09 -9.98
C ARG B 207 4.85 3.40 -11.30
N PHE B 208 5.51 3.90 -12.35
CA PHE B 208 5.32 3.37 -13.68
C PHE B 208 5.90 1.96 -13.86
N ARG B 209 5.33 1.27 -14.86
CA ARG B 209 5.69 -0.09 -15.25
C ARG B 209 7.13 -0.06 -15.82
N THR B 210 7.97 -1.00 -15.36
CA THR B 210 9.37 -1.09 -15.77
C THR B 210 9.64 -2.23 -16.76
N THR B 211 8.61 -3.07 -17.07
CA THR B 211 8.75 -4.20 -17.99
C THR B 211 7.76 -4.09 -19.15
N GLN B 212 8.07 -4.74 -20.29
CA GLN B 212 7.19 -4.75 -21.45
C GLN B 212 6.30 -5.99 -21.33
N VAL B 213 5.02 -5.86 -21.67
CA VAL B 213 4.02 -6.93 -21.55
C VAL B 213 3.07 -6.94 -22.74
N LEU B 214 2.25 -7.98 -22.82
CA LEU B 214 1.18 -8.09 -23.81
C LEU B 214 -0.11 -8.05 -23.02
N VAL B 215 -1.06 -7.27 -23.53
CA VAL B 215 -2.36 -7.05 -22.92
C VAL B 215 -3.40 -7.50 -23.94
N GLY B 216 -3.78 -8.76 -23.87
CA GLY B 216 -4.70 -9.35 -24.83
C GLY B 216 -3.96 -9.57 -26.14
N HIS B 217 -4.27 -8.76 -27.17
CA HIS B 217 -3.61 -8.77 -28.47
C HIS B 217 -2.96 -7.38 -28.73
N HIS B 218 -2.80 -6.57 -27.65
CA HIS B 218 -2.25 -5.22 -27.70
C HIS B 218 -0.89 -5.15 -27.01
N ILE B 219 0.11 -4.50 -27.65
CA ILE B 219 1.46 -4.30 -27.10
C ILE B 219 1.52 -2.83 -26.72
N PRO B 220 1.44 -2.46 -25.41
CA PRO B 220 1.51 -1.04 -25.05
C PRO B 220 2.93 -0.48 -25.19
N PRO B 221 3.11 0.84 -25.04
CA PRO B 221 4.46 1.43 -25.14
C PRO B 221 5.49 0.78 -24.22
N HIS B 222 6.74 0.78 -24.66
CA HIS B 222 7.82 0.16 -23.90
C HIS B 222 8.03 0.99 -22.62
N PRO B 223 8.34 0.37 -21.45
CA PRO B 223 8.54 1.16 -20.22
C PRO B 223 9.43 2.42 -20.31
N GLN B 224 10.41 2.47 -21.25
CA GLN B 224 11.25 3.65 -21.44
C GLN B 224 10.53 4.82 -22.13
N ASP B 225 9.37 4.55 -22.77
CA ASP B 225 8.55 5.56 -23.44
C ASP B 225 7.31 5.98 -22.61
N VAL B 226 6.97 5.24 -21.53
CA VAL B 226 5.77 5.49 -20.69
C VAL B 226 5.75 6.89 -20.06
N GLU B 227 6.87 7.38 -19.53
CA GLU B 227 6.90 8.71 -18.89
C GLU B 227 6.57 9.80 -19.92
N LYS B 228 7.26 9.76 -21.09
CA LYS B 228 7.05 10.73 -22.18
C LYS B 228 5.63 10.68 -22.74
N GLN B 229 5.05 9.48 -22.90
CA GLN B 229 3.67 9.34 -23.39
C GLN B 229 2.66 9.82 -22.35
N MET B 230 2.98 9.69 -21.06
CA MET B 230 2.13 10.19 -19.97
C MET B 230 2.25 11.70 -19.83
N GLN B 231 3.44 12.29 -20.11
CA GLN B 231 3.60 13.76 -20.09
C GLN B 231 2.74 14.33 -21.22
N GLU B 232 2.74 13.66 -22.38
CA GLU B 232 1.95 14.05 -23.56
C GLU B 232 0.44 13.89 -23.29
N PHE B 233 0.05 12.82 -22.57
CA PHE B 233 -1.37 12.57 -22.22
C PHE B 233 -1.90 13.67 -21.29
N VAL B 234 -1.18 14.01 -20.20
CA VAL B 234 -1.62 15.04 -19.26
C VAL B 234 -1.56 16.44 -19.90
N GLN B 235 -0.70 16.62 -20.91
CA GLN B 235 -0.64 17.89 -21.65
C GLN B 235 -1.92 17.98 -22.48
N TRP B 236 -2.38 16.86 -23.08
CA TRP B 236 -3.61 16.82 -23.85
C TRP B 236 -4.82 17.07 -22.94
N LEU B 237 -4.85 16.47 -21.74
CA LEU B 237 -5.94 16.65 -20.77
C LEU B 237 -6.17 18.14 -20.43
N ASN B 238 -5.11 18.95 -20.38
CA ASN B 238 -5.18 20.38 -20.05
C ASN B 238 -5.31 21.29 -21.27
N SER B 239 -5.09 20.76 -22.49
CA SER B 239 -5.17 21.53 -23.74
C SER B 239 -6.58 22.06 -24.04
N GLU B 240 -6.65 23.10 -24.89
CA GLU B 240 -7.91 23.72 -25.30
C GLU B 240 -8.75 22.77 -26.19
N GLU B 241 -8.08 21.87 -26.94
CA GLU B 241 -8.75 20.91 -27.84
C GLU B 241 -9.63 19.97 -27.02
N ALA B 242 -9.09 19.47 -25.89
CA ALA B 242 -9.81 18.60 -24.96
C ALA B 242 -10.99 19.32 -24.26
N MET B 243 -10.82 20.62 -23.97
CA MET B 243 -11.85 21.45 -23.32
C MET B 243 -13.01 21.70 -24.31
N ASN B 244 -12.70 21.93 -25.60
CA ASN B 244 -13.69 22.14 -26.67
C ASN B 244 -14.57 20.88 -26.90
N LEU B 245 -14.06 19.66 -26.68
CA LEU B 245 -14.85 18.43 -26.88
C LEU B 245 -16.02 18.35 -25.90
N HIS B 246 -17.01 17.51 -26.25
CA HIS B 246 -18.14 17.28 -25.36
C HIS B 246 -17.61 16.49 -24.16
N PRO B 247 -18.04 16.78 -22.92
CA PRO B 247 -17.50 16.03 -21.76
C PRO B 247 -17.51 14.50 -21.90
N VAL B 248 -18.58 13.93 -22.49
CA VAL B 248 -18.68 12.48 -22.66
C VAL B 248 -17.62 11.95 -23.65
N GLU B 249 -17.27 12.72 -24.69
CA GLU B 249 -16.25 12.32 -25.65
C GLU B 249 -14.87 12.41 -24.98
N PHE B 250 -14.60 13.54 -24.30
CA PHE B 250 -13.35 13.79 -23.58
C PHE B 250 -13.09 12.77 -22.47
N ALA B 251 -14.12 12.43 -21.68
CA ALA B 251 -14.03 11.44 -20.62
C ALA B 251 -13.69 10.08 -21.20
N ALA B 252 -14.39 9.69 -22.29
CA ALA B 252 -14.17 8.41 -23.00
C ALA B 252 -12.78 8.33 -23.67
N LEU B 253 -12.35 9.41 -24.35
CA LEU B 253 -11.02 9.42 -24.98
C LEU B 253 -9.94 9.31 -23.93
N ALA B 254 -10.07 10.01 -22.79
CA ALA B 254 -9.10 9.91 -21.69
C ALA B 254 -8.98 8.47 -21.18
N HIS B 255 -10.14 7.83 -20.89
CA HIS B 255 -10.22 6.43 -20.47
C HIS B 255 -9.44 5.59 -21.46
N TYR B 256 -9.77 5.65 -22.77
CA TYR B 256 -9.10 4.86 -23.79
C TYR B 256 -7.58 5.06 -23.85
N LYS B 257 -7.13 6.32 -23.87
CA LYS B 257 -5.70 6.65 -23.98
C LYS B 257 -4.87 6.15 -22.79
N LEU B 258 -5.45 6.11 -21.58
CA LEU B 258 -4.73 5.62 -20.40
C LEU B 258 -4.63 4.09 -20.48
N VAL B 259 -5.69 3.43 -20.98
CA VAL B 259 -5.72 1.98 -21.19
C VAL B 259 -4.74 1.59 -22.31
N TYR B 260 -4.62 2.45 -23.34
CA TYR B 260 -3.68 2.22 -24.44
C TYR B 260 -2.24 2.32 -23.91
N ILE B 261 -1.93 3.36 -23.13
CA ILE B 261 -0.57 3.54 -22.60
C ILE B 261 -0.21 2.41 -21.65
N HIS B 262 -1.17 1.97 -20.79
CA HIS B 262 -0.94 0.89 -19.82
C HIS B 262 0.29 1.26 -18.97
N PRO B 263 0.21 2.37 -18.23
CA PRO B 263 1.40 2.87 -17.50
C PRO B 263 1.84 2.09 -16.26
N PHE B 264 0.94 1.27 -15.70
CA PHE B 264 1.20 0.50 -14.48
C PHE B 264 1.16 -0.99 -14.81
N ILE B 265 1.79 -1.81 -13.95
CA ILE B 265 1.75 -3.27 -14.13
C ILE B 265 0.35 -3.83 -13.82
N ASP B 266 -0.41 -3.13 -12.94
CA ASP B 266 -1.76 -3.52 -12.57
C ASP B 266 -2.56 -2.27 -12.17
N GLY B 267 -3.87 -2.40 -12.19
CA GLY B 267 -4.80 -1.33 -11.86
C GLY B 267 -4.98 -0.26 -12.91
N ASN B 268 -4.76 -0.60 -14.18
CA ASN B 268 -4.86 0.36 -15.30
C ASN B 268 -6.29 0.66 -15.66
N GLY B 269 -7.14 -0.38 -15.66
CA GLY B 269 -8.56 -0.25 -15.96
C GLY B 269 -9.28 0.49 -14.86
N ARG B 270 -8.94 0.18 -13.61
CA ARG B 270 -9.52 0.82 -12.42
C ARG B 270 -9.18 2.31 -12.37
N THR B 271 -7.91 2.68 -12.59
CA THR B 271 -7.49 4.09 -12.60
C THR B 271 -8.08 4.85 -13.80
N SER B 272 -8.15 4.22 -14.98
CA SER B 272 -8.71 4.89 -16.18
C SER B 272 -10.21 5.19 -16.01
N ARG B 273 -10.96 4.32 -15.29
CA ARG B 273 -12.39 4.54 -14.99
C ARG B 273 -12.62 5.60 -13.87
N LEU B 274 -11.64 5.78 -12.98
CA LEU B 274 -11.68 6.82 -11.94
C LEU B 274 -11.36 8.19 -12.53
N LEU B 275 -10.45 8.25 -13.52
CA LEU B 275 -10.08 9.48 -14.23
C LEU B 275 -11.24 9.84 -15.17
N MET B 276 -11.93 8.82 -15.68
CA MET B 276 -13.08 9.00 -16.57
C MET B 276 -14.16 9.76 -15.82
N ASN B 277 -14.48 9.33 -14.61
CA ASN B 277 -15.49 9.99 -13.79
C ASN B 277 -15.04 11.30 -13.18
N LEU B 278 -13.72 11.48 -12.96
CA LEU B 278 -13.14 12.73 -12.46
C LEU B 278 -13.40 13.83 -13.50
N ILE B 279 -13.25 13.49 -14.78
CA ILE B 279 -13.50 14.38 -15.92
C ILE B 279 -15.02 14.71 -16.02
N LEU B 280 -15.88 13.69 -15.84
CA LEU B 280 -17.33 13.85 -15.90
C LEU B 280 -17.85 14.67 -14.73
N MET B 281 -17.38 14.36 -13.52
CA MET B 281 -17.81 15.12 -12.34
C MET B 281 -17.35 16.57 -12.39
N GLN B 282 -16.15 16.84 -12.94
CA GLN B 282 -15.67 18.22 -13.15
C GLN B 282 -16.51 18.98 -14.19
N ALA B 283 -17.24 18.25 -15.06
CA ALA B 283 -18.13 18.82 -16.08
C ALA B 283 -19.59 18.91 -15.63
N GLY B 284 -19.88 18.59 -14.38
CA GLY B 284 -21.24 18.62 -13.86
C GLY B 284 -22.05 17.36 -14.12
N TYR B 285 -21.38 16.27 -14.51
CA TYR B 285 -22.04 14.99 -14.77
C TYR B 285 -21.93 14.09 -13.54
N PRO B 286 -22.82 13.11 -13.35
CA PRO B 286 -22.67 12.22 -12.20
C PRO B 286 -21.61 11.16 -12.47
N PRO B 287 -21.12 10.44 -11.44
CA PRO B 287 -20.17 9.36 -11.71
C PRO B 287 -20.87 8.23 -12.45
N ILE B 288 -20.21 7.72 -13.49
CA ILE B 288 -20.70 6.67 -14.36
C ILE B 288 -20.14 5.30 -13.99
N THR B 289 -20.95 4.26 -14.21
CA THR B 289 -20.57 2.87 -13.93
C THR B 289 -20.71 2.03 -15.22
N ILE B 290 -19.69 1.22 -15.53
CA ILE B 290 -19.68 0.27 -16.63
C ILE B 290 -19.93 -1.04 -15.89
N ARG B 291 -21.15 -1.59 -16.00
CA ARG B 291 -21.54 -2.79 -15.26
C ARG B 291 -20.78 -4.07 -15.66
N LYS B 292 -20.62 -5.00 -14.69
CA LYS B 292 -19.98 -6.32 -14.84
C LYS B 292 -20.53 -7.11 -16.04
N GLU B 293 -21.84 -6.99 -16.32
CA GLU B 293 -22.49 -7.68 -17.45
C GLU B 293 -21.99 -7.16 -18.82
N GLN B 294 -21.50 -5.90 -18.87
CA GLN B 294 -20.98 -5.27 -20.08
C GLN B 294 -19.48 -5.54 -20.29
N ARG B 295 -18.86 -6.47 -19.52
CA ARG B 295 -17.43 -6.80 -19.64
C ARG B 295 -17.04 -7.10 -21.10
N SER B 296 -17.77 -8.02 -21.75
CA SER B 296 -17.53 -8.40 -23.15
C SER B 296 -17.74 -7.24 -24.14
N ASP B 297 -18.83 -6.45 -23.97
CA ASP B 297 -19.11 -5.28 -24.82
C ASP B 297 -18.02 -4.23 -24.66
N TYR B 298 -17.58 -4.01 -23.41
CA TYR B 298 -16.52 -3.07 -23.04
C TYR B 298 -15.18 -3.46 -23.69
N TYR B 299 -14.83 -4.75 -23.70
CA TYR B 299 -13.59 -5.18 -24.35
C TYR B 299 -13.70 -5.22 -25.87
N HIS B 300 -14.92 -5.40 -26.42
CA HIS B 300 -15.13 -5.37 -27.88
C HIS B 300 -14.90 -3.96 -28.45
N VAL B 301 -15.37 -2.91 -27.76
CA VAL B 301 -15.18 -1.54 -28.24
C VAL B 301 -13.73 -1.06 -28.07
N LEU B 302 -13.01 -1.54 -27.04
CA LEU B 302 -11.60 -1.21 -26.84
C LEU B 302 -10.75 -1.87 -27.96
N GLU B 303 -11.09 -3.11 -28.33
CA GLU B 303 -10.45 -3.83 -29.45
C GLU B 303 -10.66 -3.06 -30.76
N ALA B 304 -11.89 -2.54 -31.00
CA ALA B 304 -12.20 -1.78 -32.20
C ALA B 304 -11.43 -0.45 -32.25
N ALA B 305 -11.18 0.15 -31.07
CA ALA B 305 -10.42 1.39 -30.94
C ALA B 305 -8.93 1.14 -31.21
N ASN B 306 -8.42 -0.03 -30.78
CA ASN B 306 -7.03 -0.44 -31.08
C ASN B 306 -6.86 -0.72 -32.54
N GLU B 307 -7.90 -1.30 -33.18
CA GLU B 307 -7.90 -1.62 -34.62
C GLU B 307 -7.93 -0.35 -35.50
N GLY B 308 -8.46 0.76 -34.99
CA GLY B 308 -8.48 2.02 -35.73
C GLY B 308 -9.61 3.00 -35.50
N ASP B 309 -10.76 2.57 -34.93
CA ASP B 309 -11.91 3.47 -34.73
C ASP B 309 -12.36 3.59 -33.26
N VAL B 310 -12.16 4.78 -32.66
CA VAL B 310 -12.55 5.10 -31.27
C VAL B 310 -14.05 5.42 -31.10
N ARG B 311 -14.79 5.63 -32.20
CA ARG B 311 -16.21 6.02 -32.13
C ARG B 311 -17.08 4.98 -31.44
N PRO B 312 -17.02 3.67 -31.76
CA PRO B 312 -17.81 2.69 -31.00
C PRO B 312 -17.59 2.78 -29.48
N PHE B 313 -16.34 3.07 -29.03
CA PHE B 313 -16.01 3.24 -27.61
C PHE B 313 -16.67 4.49 -27.05
N ILE B 314 -16.61 5.61 -27.79
CA ILE B 314 -17.24 6.86 -27.37
C ILE B 314 -18.76 6.65 -27.24
N ARG B 315 -19.37 5.89 -28.16
CA ARG B 315 -20.80 5.59 -28.10
C ARG B 315 -21.15 4.65 -26.94
N PHE B 316 -20.25 3.72 -26.59
CA PHE B 316 -20.44 2.81 -25.45
C PHE B 316 -20.44 3.61 -24.15
N ILE B 317 -19.52 4.58 -24.01
CA ILE B 317 -19.43 5.44 -22.81
C ILE B 317 -20.67 6.33 -22.73
N ALA B 318 -21.11 6.88 -23.87
CA ALA B 318 -22.30 7.73 -23.94
C ALA B 318 -23.55 6.98 -23.50
N LYS B 319 -23.77 5.73 -23.98
CA LYS B 319 -24.94 4.94 -23.55
C LYS B 319 -24.83 4.58 -22.07
N CYS B 320 -23.58 4.45 -21.52
CA CYS B 320 -23.35 4.20 -20.09
C CYS B 320 -23.80 5.42 -19.29
N THR B 321 -23.55 6.66 -19.79
CA THR B 321 -23.98 7.88 -19.09
C THR B 321 -25.49 8.02 -19.13
N GLU B 322 -26.14 7.71 -20.28
CA GLU B 322 -27.60 7.80 -20.37
C GLU B 322 -28.26 6.82 -19.41
N THR B 323 -27.77 5.58 -19.33
CA THR B 323 -28.35 4.59 -18.40
C THR B 323 -28.22 5.05 -16.94
N THR B 324 -27.06 5.65 -16.58
CA THR B 324 -26.83 6.19 -15.24
C THR B 324 -27.80 7.34 -14.96
N LEU B 325 -27.98 8.25 -15.94
CA LEU B 325 -28.91 9.38 -15.82
C LEU B 325 -30.35 8.89 -15.75
N ASP B 326 -30.71 7.83 -16.49
CA ASP B 326 -32.07 7.28 -16.47
C ASP B 326 -32.39 6.68 -15.09
N THR B 327 -31.38 6.05 -14.44
CA THR B 327 -31.54 5.47 -13.11
C THR B 327 -31.73 6.58 -12.07
N LEU B 328 -30.99 7.70 -12.21
CA LEU B 328 -31.10 8.87 -11.32
C LEU B 328 -32.41 9.62 -11.58
N LEU B 329 -32.90 9.65 -12.84
CA LEU B 329 -34.17 10.31 -13.17
C LEU B 329 -35.39 9.48 -12.72
N PHE B 330 -35.24 8.14 -12.59
CA PHE B 330 -36.31 7.23 -12.18
C PHE B 330 -36.35 7.08 -10.67
N ALA B 331 -35.17 7.00 -10.02
CA ALA B 331 -35.08 6.86 -8.56
C ALA B 331 -35.68 8.08 -7.85
N THR B 332 -35.62 9.27 -8.49
CA THR B 332 -36.19 10.51 -7.96
C THR B 332 -37.49 10.80 -8.76
N THR B 333 -38.43 9.83 -8.74
CA THR B 333 -39.72 9.92 -9.43
C THR B 333 -40.78 9.05 -8.76
O1 TAR C . 3.22 0.05 15.21
O11 TAR C . 2.48 1.15 16.95
C1 TAR C . 3.43 0.72 16.25
C2 TAR C . 4.86 0.98 16.67
O2 TAR C . 5.78 0.67 15.61
C3 TAR C . 5.10 2.42 17.17
O3 TAR C . 5.23 3.32 16.05
C4 TAR C . 6.29 2.49 18.08
O4 TAR C . 7.28 1.76 17.86
O41 TAR C . 6.26 3.26 19.06
O1 PG4 D . 19.68 11.02 22.93
C1 PG4 D . 19.23 9.95 22.07
C2 PG4 D . 20.41 9.32 21.32
O2 PG4 D . 20.66 7.99 21.79
C3 PG4 D . 21.84 7.78 22.58
C4 PG4 D . 22.42 6.41 22.28
O3 PG4 D . 23.77 6.33 22.75
C5 PG4 D . 24.78 6.13 21.74
C6 PG4 D . 25.25 7.48 21.21
O4 PG4 D . 26.36 7.36 20.29
C7 PG4 D . 25.98 7.52 18.92
C8 PG4 D . 26.08 8.96 18.40
O5 PG4 D . 25.21 9.15 17.27
O1 PG4 E . -2.55 12.78 -27.13
C1 PG4 E . -2.83 13.02 -28.52
C2 PG4 E . -4.20 13.68 -28.69
O2 PG4 E . -5.02 12.91 -29.58
C3 PG4 E . -6.40 13.27 -29.52
C4 PG4 E . -7.21 12.44 -30.51
O3 PG4 E . -6.81 11.06 -30.47
C5 PG4 E . -7.46 10.27 -29.48
C6 PG4 E . -7.42 8.80 -29.89
O4 PG4 E . -6.58 8.07 -29.00
C7 PG4 E . -5.47 7.47 -29.66
C8 PG4 E . -4.17 8.12 -29.18
O5 PG4 E . -4.07 9.45 -29.71
#